data_5Y0Q
#
_entry.id   5Y0Q
#
_cell.length_a   67.995
_cell.length_b   68.013
_cell.length_c   211.672
_cell.angle_alpha   90.000
_cell.angle_beta   90.000
_cell.angle_gamma   90.000
#
_symmetry.space_group_name_H-M   'P 21 21 21'
#
loop_
_entity.id
_entity.type
_entity.pdbx_description
1 polymer 'UPF0348 protein B4417_3650'
2 non-polymer 'DIPHOSPHOMETHYLPHOSPHONIC ACID ADENOSYL ESTER'
3 water water
#
_entity_poly.entity_id   1
_entity_poly.type   'polypeptide(L)'
_entity_poly.pdbx_seq_one_letter_code
;MGSSHHHHHHSSGLVPRGSMKAVGLVVEYNPFHNGHLYHAQTAKLQTGCDTAVAVMSGHFLQRGEPAVVSKWARTKMALQ
SGVDLVIELPYLYAVQKADIFARGSVSILNELECEALFFGSENGDIKPFLETAQLIDEHKHILNDRIKEELKKGASYPAA
AAIAFSSILHTESALDLSKPNNILGYQYVTSILTGGYPMKPYTTARISSDYHDADLPEGENHIASATSIRKAMIGQNLEA
CLRFLPAASARELAAYRKSFGLWHTPESYFSYLKYSLSTVTARELQQVYEVEEGLEHRIIRSIRKSSSYQEFMELLKTKR
YTWTRLQRMNTHILTRTKKQDMQKLLDNDKAPYIRLLGMTKKGQAYLSEKKKALSVPLVSKLSSFSHPALDLDVKASRIY
SLPIEEPLRTEFDLQEYGHAPIRYDEDEQHFLNV
;
_entity_poly.pdbx_strand_id   A,B
#
loop_
_chem_comp.id
_chem_comp.type
_chem_comp.name
_chem_comp.formula
APC non-polymer 'DIPHOSPHOMETHYLPHOSPHONIC ACID ADENOSYL ESTER' 'C11 H18 N5 O12 P3'
#
# COMPACT_ATOMS: atom_id res chain seq x y z
N MET A 20 -10.05 -45.97 14.04
CA MET A 20 -10.36 -44.77 13.26
C MET A 20 -9.08 -44.04 12.84
N LYS A 21 -8.74 -44.13 11.56
CA LYS A 21 -7.41 -43.77 11.09
C LYS A 21 -7.45 -42.74 9.96
N ALA A 22 -6.54 -41.76 10.00
CA ALA A 22 -6.64 -40.61 9.12
C ALA A 22 -5.53 -40.51 8.07
N VAL A 23 -5.92 -40.23 6.84
CA VAL A 23 -4.96 -40.06 5.74
C VAL A 23 -4.77 -38.60 5.41
N GLY A 24 -3.53 -38.12 5.53
CA GLY A 24 -3.24 -36.72 5.31
C GLY A 24 -2.99 -36.38 3.86
N LEU A 25 -3.41 -35.19 3.45
CA LEU A 25 -3.17 -34.70 2.10
C LEU A 25 -2.59 -33.30 2.18
N VAL A 26 -1.55 -33.03 1.40
CA VAL A 26 -1.03 -31.68 1.31
C VAL A 26 -1.57 -31.06 0.03
N VAL A 27 -2.33 -29.97 0.15
CA VAL A 27 -3.16 -29.48 -0.95
C VAL A 27 -3.28 -27.94 -1.03
N GLU A 28 -3.23 -27.37 -2.23
CA GLU A 28 -3.59 -25.96 -2.38
C GLU A 28 -4.99 -25.76 -2.94
N TYR A 29 -5.55 -26.84 -3.51
CA TYR A 29 -6.88 -26.82 -4.12
C TYR A 29 -7.15 -25.57 -4.95
N ASN A 30 -6.48 -25.40 -6.08
CA ASN A 30 -6.53 -24.11 -6.76
C ASN A 30 -7.11 -24.14 -8.19
N PRO A 31 -8.42 -24.42 -8.32
CA PRO A 31 -9.41 -24.84 -7.32
C PRO A 31 -9.53 -26.37 -7.19
N PHE A 32 -10.50 -26.83 -6.41
CA PHE A 32 -10.82 -28.25 -6.35
C PHE A 32 -11.45 -28.72 -7.66
N HIS A 33 -10.85 -29.72 -8.29
CA HIS A 33 -11.42 -30.32 -9.50
C HIS A 33 -11.51 -31.83 -9.34
N ASN A 34 -12.03 -32.50 -10.37
CA ASN A 34 -12.19 -33.94 -10.32
C ASN A 34 -10.87 -34.66 -10.09
N GLY A 35 -9.76 -34.00 -10.41
CA GLY A 35 -8.44 -34.57 -10.21
C GLY A 35 -8.07 -34.57 -8.75
N HIS A 36 -8.54 -33.54 -8.05
CA HIS A 36 -8.42 -33.48 -6.61
C HIS A 36 -9.38 -34.52 -6.00
N LEU A 37 -10.41 -34.88 -6.77
CA LEU A 37 -11.38 -35.88 -6.33
C LEU A 37 -10.74 -37.27 -6.38
N TYR A 38 -10.09 -37.58 -7.50
CA TYR A 38 -9.31 -38.81 -7.64
C TYR A 38 -8.33 -38.98 -6.48
N HIS A 39 -7.79 -37.86 -5.99
CA HIS A 39 -6.83 -37.88 -4.89
C HIS A 39 -7.46 -38.38 -3.58
N ALA A 40 -8.56 -37.74 -3.17
CA ALA A 40 -9.14 -37.95 -1.84
C ALA A 40 -9.84 -39.31 -1.69
N GLN A 41 -10.34 -39.83 -2.80
CA GLN A 41 -11.01 -41.12 -2.79
C GLN A 41 -10.00 -42.27 -2.88
N THR A 42 -8.99 -42.11 -3.72
CA THR A 42 -7.89 -43.06 -3.79
C THR A 42 -7.19 -43.14 -2.44
N ALA A 43 -6.89 -41.97 -1.88
CA ALA A 43 -6.22 -41.86 -0.59
C ALA A 43 -6.87 -42.74 0.46
N LYS A 44 -8.13 -42.46 0.77
CA LYS A 44 -8.90 -43.26 1.73
C LYS A 44 -8.86 -44.74 1.38
N LEU A 45 -8.98 -45.03 0.08
CA LEU A 45 -9.08 -46.41 -0.37
C LEU A 45 -7.74 -47.11 -0.26
N GLN A 46 -6.71 -46.48 -0.81
CA GLN A 46 -5.38 -47.08 -0.81
C GLN A 46 -4.80 -47.24 0.59
N THR A 47 -4.94 -46.21 1.42
CA THR A 47 -4.35 -46.20 2.75
C THR A 47 -5.15 -46.98 3.77
N GLY A 48 -6.44 -47.13 3.50
CA GLY A 48 -7.32 -47.81 4.42
C GLY A 48 -7.86 -46.88 5.49
N CYS A 49 -7.69 -45.59 5.29
CA CYS A 49 -8.17 -44.64 6.27
C CYS A 49 -9.59 -44.22 5.91
N ASP A 50 -10.46 -44.15 6.91
CA ASP A 50 -11.84 -43.74 6.69
C ASP A 50 -11.95 -42.22 6.65
N THR A 51 -10.89 -41.55 7.09
CA THR A 51 -10.89 -40.10 7.26
C THR A 51 -9.77 -39.41 6.49
N ALA A 52 -10.13 -38.46 5.64
CA ALA A 52 -9.15 -37.67 4.93
C ALA A 52 -9.01 -36.25 5.51
N VAL A 53 -7.80 -35.95 5.99
CA VAL A 53 -7.45 -34.64 6.49
C VAL A 53 -6.56 -33.91 5.50
N ALA A 54 -6.99 -32.76 5.03
CA ALA A 54 -6.19 -31.98 4.10
C ALA A 54 -5.63 -30.74 4.79
N VAL A 55 -4.32 -30.50 4.63
CA VAL A 55 -3.73 -29.26 5.11
C VAL A 55 -3.54 -28.37 3.88
N MET A 56 -4.16 -27.18 3.89
CA MET A 56 -4.26 -26.35 2.70
C MET A 56 -3.65 -24.97 2.84
N SER A 57 -2.94 -24.53 1.80
CA SER A 57 -2.50 -23.15 1.69
C SER A 57 -3.72 -22.28 1.53
N GLY A 58 -3.91 -21.28 2.38
CA GLY A 58 -5.11 -20.49 2.21
C GLY A 58 -5.19 -19.45 1.11
N HIS A 59 -4.58 -18.29 1.27
CA HIS A 59 -4.76 -17.27 0.23
C HIS A 59 -3.55 -16.94 -0.60
N PHE A 60 -2.40 -17.48 -0.23
CA PHE A 60 -1.22 -17.30 -1.06
C PHE A 60 -0.49 -18.62 -1.03
N LEU A 61 -0.14 -19.11 -2.22
CA LEU A 61 0.26 -20.50 -2.38
C LEU A 61 1.75 -20.68 -2.59
N GLN A 62 2.15 -21.92 -2.85
CA GLN A 62 3.55 -22.34 -2.77
C GLN A 62 4.43 -21.66 -3.80
N ARG A 63 3.84 -21.27 -4.92
CA ARG A 63 4.61 -20.67 -5.99
C ARG A 63 4.56 -19.14 -5.90
N GLY A 64 3.88 -18.64 -4.88
CA GLY A 64 3.85 -17.21 -4.59
C GLY A 64 2.70 -16.43 -5.21
N GLU A 65 1.61 -17.11 -5.51
CA GLU A 65 0.49 -16.45 -6.18
C GLU A 65 -0.76 -16.47 -5.28
N PRO A 66 -1.71 -15.55 -5.52
CA PRO A 66 -2.95 -15.57 -4.71
C PRO A 66 -3.90 -16.70 -5.13
N ALA A 67 -4.72 -17.16 -4.20
CA ALA A 67 -5.79 -18.10 -4.54
C ALA A 67 -6.88 -17.41 -5.35
N VAL A 68 -7.37 -18.07 -6.39
CA VAL A 68 -8.45 -17.55 -7.23
C VAL A 68 -9.74 -17.24 -6.48
N VAL A 69 -9.86 -17.82 -5.29
CA VAL A 69 -11.10 -17.77 -4.55
C VAL A 69 -10.75 -17.97 -3.07
N SER A 70 -11.58 -17.45 -2.17
CA SER A 70 -11.28 -17.49 -0.74
C SER A 70 -11.16 -18.91 -0.21
N LYS A 71 -10.31 -19.09 0.79
CA LYS A 71 -10.15 -20.38 1.43
C LYS A 71 -11.45 -20.84 2.06
N TRP A 72 -12.34 -19.91 2.38
CA TRP A 72 -13.63 -20.28 2.96
C TRP A 72 -14.50 -20.92 1.90
N ALA A 73 -14.36 -20.44 0.67
CA ALA A 73 -15.09 -21.05 -0.42
C ALA A 73 -14.51 -22.41 -0.69
N ARG A 74 -13.21 -22.45 -0.96
CA ARG A 74 -12.51 -23.70 -1.29
C ARG A 74 -12.60 -24.69 -0.14
N THR A 75 -12.85 -24.21 1.07
CA THR A 75 -13.12 -25.14 2.16
C THR A 75 -14.45 -25.83 1.89
N LYS A 76 -15.47 -25.03 1.62
CA LYS A 76 -16.81 -25.54 1.34
C LYS A 76 -16.88 -26.55 0.20
N MET A 77 -16.01 -26.39 -0.80
CA MET A 77 -15.98 -27.31 -1.94
C MET A 77 -15.53 -28.69 -1.54
N ALA A 78 -14.37 -28.74 -0.87
CA ALA A 78 -13.74 -30.00 -0.54
C ALA A 78 -14.52 -30.77 0.51
N LEU A 79 -15.27 -30.05 1.34
CA LEU A 79 -16.00 -30.70 2.41
C LEU A 79 -17.11 -31.58 1.87
N GLN A 80 -17.61 -31.23 0.68
CA GLN A 80 -18.64 -32.03 0.04
C GLN A 80 -18.06 -32.96 -1.00
N SER A 81 -16.77 -32.82 -1.24
CA SER A 81 -16.05 -33.62 -2.22
C SER A 81 -15.26 -34.75 -1.58
N GLY A 82 -15.47 -34.99 -0.29
CA GLY A 82 -14.86 -36.14 0.35
C GLY A 82 -13.69 -35.86 1.25
N VAL A 83 -13.51 -34.62 1.67
CA VAL A 83 -12.53 -34.32 2.70
C VAL A 83 -13.23 -33.99 4.03
N ASP A 84 -12.75 -34.62 5.10
CA ASP A 84 -13.37 -34.47 6.40
C ASP A 84 -12.88 -33.28 7.23
N LEU A 85 -11.58 -33.00 7.16
CA LEU A 85 -11.02 -31.88 7.89
C LEU A 85 -10.26 -30.97 6.95
N VAL A 86 -10.52 -29.68 7.06
CA VAL A 86 -9.69 -28.72 6.35
C VAL A 86 -8.95 -27.83 7.32
N ILE A 87 -7.63 -27.97 7.35
CA ILE A 87 -6.77 -27.20 8.24
C ILE A 87 -5.94 -26.25 7.40
N GLU A 88 -5.83 -24.99 7.84
CA GLU A 88 -5.01 -24.05 7.09
C GLU A 88 -3.54 -24.28 7.36
N LEU A 89 -2.79 -24.50 6.28
CA LEU A 89 -1.34 -24.41 6.35
C LEU A 89 -1.00 -22.95 6.51
N PRO A 90 -0.36 -22.58 7.62
CA PRO A 90 -0.11 -21.16 7.82
C PRO A 90 0.78 -20.59 6.73
N TYR A 91 0.57 -19.31 6.45
CA TYR A 91 1.39 -18.54 5.52
C TYR A 91 2.86 -18.76 5.81
N LEU A 92 3.18 -18.94 7.09
CA LEU A 92 4.54 -19.19 7.52
C LEU A 92 5.20 -20.30 6.70
N TYR A 93 4.51 -21.41 6.53
CA TYR A 93 5.08 -22.46 5.71
C TYR A 93 4.52 -22.54 4.29
N ALA A 94 3.49 -21.77 3.98
CA ALA A 94 2.79 -21.96 2.72
C ALA A 94 3.53 -21.35 1.55
N VAL A 95 4.08 -20.16 1.72
CA VAL A 95 4.85 -19.57 0.65
C VAL A 95 6.30 -19.77 0.99
N GLN A 96 6.85 -20.86 0.47
CA GLN A 96 8.21 -21.33 0.73
C GLN A 96 8.48 -22.30 -0.39
N LYS A 97 9.74 -22.63 -0.67
CA LYS A 97 9.95 -23.71 -1.62
C LYS A 97 9.58 -25.02 -0.92
N ALA A 98 9.65 -26.13 -1.64
CA ALA A 98 9.04 -27.40 -1.19
C ALA A 98 9.50 -27.95 0.15
N ASP A 99 10.78 -27.81 0.48
CA ASP A 99 11.29 -28.46 1.69
C ASP A 99 10.70 -27.86 2.96
N ILE A 100 10.55 -26.53 3.01
CA ILE A 100 9.95 -25.84 4.16
C ILE A 100 8.44 -25.96 4.15
N PHE A 101 7.92 -25.88 2.94
CA PHE A 101 6.53 -26.18 2.67
C PHE A 101 6.17 -27.58 3.17
N ALA A 102 7.00 -28.57 2.83
CA ALA A 102 6.74 -29.93 3.27
C ALA A 102 6.96 -30.06 4.77
N ARG A 103 7.96 -29.37 5.28
CA ARG A 103 8.29 -29.45 6.69
C ARG A 103 7.13 -28.97 7.56
N GLY A 104 6.50 -27.89 7.17
CA GLY A 104 5.41 -27.35 7.95
C GLY A 104 4.10 -28.12 7.79
N SER A 105 3.83 -28.56 6.58
CA SER A 105 2.58 -29.25 6.28
C SER A 105 2.60 -30.62 6.91
N VAL A 106 3.74 -31.30 6.82
CA VAL A 106 3.90 -32.61 7.43
C VAL A 106 3.83 -32.52 8.96
N SER A 107 4.37 -31.45 9.53
CA SER A 107 4.25 -31.24 10.97
C SER A 107 2.81 -31.05 11.42
N ILE A 108 2.02 -30.43 10.56
CA ILE A 108 0.60 -30.26 10.84
C ILE A 108 -0.13 -31.59 10.76
N LEU A 109 0.26 -32.44 9.82
CA LEU A 109 -0.39 -33.74 9.70
C LEU A 109 0.09 -34.67 10.81
N ASN A 110 1.36 -34.53 11.16
CA ASN A 110 1.85 -35.30 12.29
C ASN A 110 1.15 -34.91 13.57
N GLU A 111 0.96 -33.61 13.77
CA GLU A 111 0.24 -33.13 14.94
C GLU A 111 -1.18 -33.69 14.99
N LEU A 112 -1.76 -33.94 13.81
CA LEU A 112 -3.13 -34.45 13.71
C LEU A 112 -3.24 -35.99 13.68
N GLU A 113 -2.13 -36.68 13.89
CA GLU A 113 -2.10 -38.14 14.06
C GLU A 113 -2.57 -38.93 12.84
N CYS A 114 -2.37 -38.35 11.65
CA CYS A 114 -2.65 -39.07 10.43
C CYS A 114 -1.74 -40.27 10.33
N GLU A 115 -2.32 -41.45 10.13
CA GLU A 115 -1.52 -42.65 9.99
C GLU A 115 -0.70 -42.60 8.71
N ALA A 116 -1.18 -41.81 7.76
CA ALA A 116 -0.61 -41.82 6.42
C ALA A 116 -0.45 -40.42 5.84
N LEU A 117 0.40 -40.31 4.83
CA LEU A 117 0.47 -39.13 3.96
C LEU A 117 0.40 -39.56 2.50
N PHE A 118 -0.57 -39.00 1.78
CA PHE A 118 -0.90 -39.41 0.41
C PHE A 118 -0.58 -38.29 -0.58
N PHE A 119 0.48 -38.47 -1.37
CA PHE A 119 0.90 -37.44 -2.33
C PHE A 119 1.00 -37.98 -3.74
N GLY A 120 0.56 -37.20 -4.73
CA GLY A 120 0.65 -37.64 -6.10
C GLY A 120 1.92 -37.27 -6.82
N SER A 121 2.33 -38.15 -7.72
CA SER A 121 3.34 -37.86 -8.74
C SER A 121 2.89 -38.66 -9.95
N GLU A 122 3.72 -38.76 -10.98
CA GLU A 122 3.30 -39.46 -12.19
C GLU A 122 3.46 -40.97 -12.05
N ASN A 123 3.89 -41.41 -10.87
CA ASN A 123 4.07 -42.83 -10.56
C ASN A 123 3.14 -43.31 -9.44
N GLY A 124 2.54 -44.47 -9.62
CA GLY A 124 1.72 -45.07 -8.59
C GLY A 124 2.56 -45.73 -7.53
N ASP A 125 3.87 -45.70 -7.72
CA ASP A 125 4.81 -46.44 -6.89
C ASP A 125 5.43 -45.58 -5.80
N ILE A 126 5.36 -46.03 -4.56
CA ILE A 126 5.86 -45.25 -3.44
C ILE A 126 7.34 -45.53 -3.18
N LYS A 127 7.86 -46.56 -3.83
CA LYS A 127 9.20 -47.07 -3.53
C LYS A 127 10.35 -46.14 -3.90
N PRO A 128 10.40 -45.64 -5.16
CA PRO A 128 11.58 -44.82 -5.49
C PRO A 128 11.71 -43.56 -4.64
N PHE A 129 10.60 -43.03 -4.13
CA PHE A 129 10.67 -41.92 -3.21
C PHE A 129 11.43 -42.35 -1.96
N LEU A 130 11.13 -43.56 -1.51
CA LEU A 130 11.80 -44.14 -0.34
C LEU A 130 13.27 -44.44 -0.61
N GLU A 131 13.53 -45.03 -1.76
CA GLU A 131 14.89 -45.42 -2.12
C GLU A 131 15.83 -44.24 -2.14
N THR A 132 15.38 -43.13 -2.71
CA THR A 132 16.19 -41.93 -2.81
C THR A 132 16.43 -41.30 -1.45
N ALA A 133 15.37 -41.32 -0.64
CA ALA A 133 15.38 -40.64 0.64
C ALA A 133 16.54 -41.11 1.49
N GLN A 134 16.56 -42.42 1.79
CA GLN A 134 17.64 -42.99 2.56
C GLN A 134 18.98 -42.72 1.90
N LEU A 135 18.99 -42.91 0.59
CA LEU A 135 20.17 -42.70 -0.23
C LEU A 135 20.75 -41.32 -0.02
N ILE A 136 19.87 -40.32 -0.02
CA ILE A 136 20.29 -38.96 0.27
C ILE A 136 20.48 -38.78 1.77
N ASP A 137 19.57 -39.35 2.55
CA ASP A 137 19.64 -39.30 4.01
C ASP A 137 20.98 -39.83 4.53
N GLU A 138 21.37 -41.00 4.05
CA GLU A 138 22.58 -41.64 4.53
C GLU A 138 23.84 -40.99 3.97
N HIS A 139 23.80 -40.64 2.69
CA HIS A 139 24.99 -40.11 2.02
C HIS A 139 25.17 -38.62 2.28
N LYS A 140 24.28 -38.05 3.09
CA LYS A 140 24.25 -36.62 3.34
C LYS A 140 25.64 -36.10 3.67
N HIS A 141 26.33 -36.81 4.56
CA HIS A 141 27.71 -36.50 4.84
C HIS A 141 28.53 -36.55 3.55
N ILE A 142 28.59 -37.73 2.93
CA ILE A 142 29.28 -37.90 1.65
C ILE A 142 28.85 -36.85 0.63
N LEU A 143 27.56 -36.53 0.62
CA LEU A 143 27.01 -35.50 -0.26
C LEU A 143 27.52 -34.12 0.10
N ASN A 144 27.39 -33.75 1.37
CA ASN A 144 27.81 -32.45 1.86
C ASN A 144 29.30 -32.24 1.73
N ASP A 145 30.07 -33.30 2.00
CA ASP A 145 31.51 -33.23 1.87
C ASP A 145 31.91 -33.11 0.39
N ARG A 146 31.06 -33.63 -0.47
CA ARG A 146 31.33 -33.57 -1.92
C ARG A 146 31.00 -32.19 -2.47
N ILE A 147 30.08 -31.50 -1.80
CA ILE A 147 29.77 -30.12 -2.14
C ILE A 147 30.95 -29.24 -1.73
N LYS A 148 31.64 -29.66 -0.68
CA LYS A 148 32.83 -28.99 -0.20
C LYS A 148 33.85 -28.81 -1.33
N GLU A 149 34.41 -29.92 -1.79
CA GLU A 149 35.47 -29.94 -2.81
C GLU A 149 35.12 -29.09 -4.03
N GLU A 150 33.83 -29.04 -4.36
CA GLU A 150 33.40 -28.47 -5.63
C GLU A 150 33.37 -26.96 -5.64
N LEU A 151 32.99 -26.37 -4.53
CA LEU A 151 33.05 -24.92 -4.39
C LEU A 151 34.50 -24.45 -4.38
N LYS A 152 35.39 -25.34 -3.93
CA LYS A 152 36.82 -25.05 -3.93
C LYS A 152 37.40 -25.10 -5.34
N LYS A 153 36.82 -25.92 -6.21
CA LYS A 153 37.25 -25.95 -7.61
C LYS A 153 36.73 -24.73 -8.36
N GLY A 154 35.85 -23.95 -7.72
CA GLY A 154 35.31 -22.72 -8.29
C GLY A 154 33.88 -22.77 -8.82
N ALA A 155 33.19 -23.88 -8.59
CA ALA A 155 31.81 -24.06 -9.04
C ALA A 155 30.87 -23.16 -8.28
N SER A 156 29.67 -22.91 -8.81
CA SER A 156 28.68 -22.27 -7.97
C SER A 156 28.19 -23.31 -7.01
N TYR A 157 27.37 -22.91 -6.05
CA TYR A 157 26.84 -23.89 -5.13
C TYR A 157 25.83 -24.80 -5.85
N PRO A 158 24.84 -24.22 -6.56
CA PRO A 158 23.91 -25.10 -7.27
C PRO A 158 24.62 -26.07 -8.20
N ALA A 159 25.70 -25.61 -8.81
CA ALA A 159 26.47 -26.50 -9.67
C ALA A 159 27.06 -27.57 -8.78
N ALA A 160 27.78 -27.13 -7.76
CA ALA A 160 28.43 -28.02 -6.83
C ALA A 160 27.45 -29.07 -6.32
N ALA A 161 26.23 -28.63 -6.04
CA ALA A 161 25.20 -29.54 -5.54
C ALA A 161 24.78 -30.51 -6.63
N ALA A 162 24.63 -29.98 -7.84
CA ALA A 162 24.22 -30.78 -8.97
C ALA A 162 25.28 -31.83 -9.30
N ILE A 163 26.53 -31.51 -8.98
CA ILE A 163 27.63 -32.42 -9.26
C ILE A 163 27.66 -33.56 -8.26
N ALA A 164 27.47 -33.23 -6.98
CA ALA A 164 27.52 -34.24 -5.93
C ALA A 164 26.35 -35.21 -6.06
N PHE A 165 25.14 -34.68 -6.21
CA PHE A 165 23.96 -35.52 -6.38
C PHE A 165 24.24 -36.59 -7.42
N SER A 166 24.80 -36.15 -8.54
CA SER A 166 24.98 -36.99 -9.72
C SER A 166 25.82 -38.25 -9.50
N SER A 167 26.71 -38.22 -8.52
CA SER A 167 27.55 -39.39 -8.26
C SER A 167 26.72 -40.57 -7.77
N ILE A 168 25.93 -40.33 -6.73
CA ILE A 168 25.04 -41.35 -6.20
C ILE A 168 23.74 -41.48 -7.00
N LEU A 169 23.16 -40.36 -7.42
CA LEU A 169 21.82 -40.35 -7.99
C LEU A 169 21.69 -40.85 -9.42
N HIS A 170 22.73 -40.68 -10.25
CA HIS A 170 22.57 -40.91 -11.70
C HIS A 170 22.29 -42.38 -12.07
N THR A 171 22.35 -43.27 -11.11
CA THR A 171 21.75 -44.59 -11.29
C THR A 171 20.28 -44.34 -11.66
N GLU A 172 19.72 -45.08 -12.62
CA GLU A 172 18.35 -44.80 -12.98
C GLU A 172 17.44 -45.63 -12.09
N SER A 173 16.84 -44.94 -11.13
CA SER A 173 15.92 -45.57 -10.18
C SER A 173 14.48 -45.75 -10.72
N ALA A 174 13.90 -44.80 -11.46
CA ALA A 174 14.43 -43.45 -11.70
C ALA A 174 13.51 -42.45 -11.05
N LEU A 175 14.00 -41.75 -10.04
CA LEU A 175 13.19 -40.71 -9.44
C LEU A 175 13.42 -39.40 -10.17
N ASP A 176 12.34 -38.86 -10.72
CA ASP A 176 12.42 -37.62 -11.48
C ASP A 176 12.15 -36.45 -10.56
N LEU A 177 13.21 -35.68 -10.35
CA LEU A 177 13.16 -34.51 -9.48
C LEU A 177 12.75 -33.29 -10.29
N SER A 178 12.37 -33.51 -11.54
CA SER A 178 11.86 -32.43 -12.36
C SER A 178 10.36 -32.26 -12.12
N LYS A 179 9.60 -33.28 -12.49
CA LYS A 179 8.15 -33.24 -12.39
C LYS A 179 7.78 -32.81 -10.99
N PRO A 180 7.01 -31.72 -10.89
CA PRO A 180 6.98 -30.96 -9.64
C PRO A 180 6.48 -31.79 -8.50
N ASN A 181 5.35 -32.47 -8.69
CA ASN A 181 4.65 -33.03 -7.56
C ASN A 181 5.40 -34.22 -7.01
N ASN A 182 6.42 -34.64 -7.75
CA ASN A 182 7.39 -35.61 -7.27
C ASN A 182 8.29 -34.98 -6.23
N ILE A 183 8.84 -33.82 -6.57
CA ILE A 183 9.72 -33.07 -5.68
C ILE A 183 9.10 -32.87 -4.32
N LEU A 184 7.84 -32.45 -4.32
CA LEU A 184 7.06 -32.30 -3.10
C LEU A 184 7.00 -33.61 -2.33
N GLY A 185 6.74 -34.69 -3.06
CA GLY A 185 6.70 -36.01 -2.48
C GLY A 185 8.01 -36.39 -1.81
N TYR A 186 9.13 -36.05 -2.44
CA TYR A 186 10.41 -36.37 -1.84
C TYR A 186 10.59 -35.61 -0.55
N GLN A 187 10.17 -34.35 -0.54
CA GLN A 187 10.33 -33.53 0.65
C GLN A 187 9.38 -33.99 1.74
N TYR A 188 8.23 -34.53 1.35
CA TYR A 188 7.31 -35.12 2.32
C TYR A 188 7.99 -36.30 3.00
N VAL A 189 8.53 -37.19 2.18
CA VAL A 189 9.27 -38.34 2.69
C VAL A 189 10.44 -37.86 3.54
N THR A 190 11.09 -36.79 3.08
CA THR A 190 12.19 -36.20 3.80
C THR A 190 11.76 -35.75 5.19
N SER A 191 10.61 -35.09 5.28
CA SER A 191 10.17 -34.50 6.52
C SER A 191 9.72 -35.55 7.54
N ILE A 192 9.00 -36.56 7.07
CA ILE A 192 8.60 -37.68 7.93
C ILE A 192 9.81 -38.42 8.50
N LEU A 193 10.87 -38.52 7.70
CA LEU A 193 12.09 -39.21 8.08
C LEU A 193 12.88 -38.50 9.18
N THR A 194 13.03 -37.18 9.07
CA THR A 194 13.85 -36.46 10.03
C THR A 194 13.03 -35.96 11.20
N GLY A 195 11.71 -36.03 11.04
CA GLY A 195 10.80 -35.61 12.10
C GLY A 195 10.50 -36.72 13.08
N GLY A 196 10.70 -37.97 12.65
CA GLY A 196 10.45 -39.14 13.48
C GLY A 196 9.00 -39.55 13.50
N TYR A 197 8.25 -39.02 12.55
CA TYR A 197 6.81 -39.19 12.52
C TYR A 197 6.39 -40.61 12.18
N PRO A 198 5.39 -41.15 12.90
CA PRO A 198 4.81 -42.45 12.61
C PRO A 198 3.86 -42.34 11.45
N MET A 199 4.37 -41.76 10.38
CA MET A 199 3.55 -41.46 9.22
C MET A 199 3.95 -42.42 8.12
N LYS A 200 2.98 -42.98 7.43
CA LYS A 200 3.31 -43.84 6.31
C LYS A 200 2.97 -43.12 5.01
N PRO A 201 3.98 -42.83 4.20
CA PRO A 201 3.76 -42.19 2.91
C PRO A 201 3.12 -43.13 1.88
N TYR A 202 2.10 -42.67 1.18
CA TYR A 202 1.54 -43.39 0.06
C TYR A 202 1.65 -42.52 -1.17
N THR A 203 1.15 -43.02 -2.30
CA THR A 203 1.16 -42.26 -3.55
C THR A 203 0.44 -43.01 -4.66
N THR A 204 0.05 -42.28 -5.70
CA THR A 204 -0.55 -42.85 -6.91
C THR A 204 -0.09 -42.03 -8.09
N ALA A 205 -0.31 -42.55 -9.29
CA ALA A 205 0.01 -41.78 -10.48
C ALA A 205 -1.10 -40.76 -10.74
N ARG A 206 -0.72 -39.50 -10.90
CA ARG A 206 -1.68 -38.43 -11.14
C ARG A 206 -2.30 -38.55 -12.52
N ILE A 207 -3.58 -38.24 -12.62
CA ILE A 207 -4.30 -38.30 -13.89
C ILE A 207 -4.60 -36.92 -14.45
N ASN A 221 -15.17 -39.01 -17.14
CA ASN A 221 -14.63 -37.67 -16.98
C ASN A 221 -13.10 -37.66 -16.88
N HIS A 222 -12.39 -37.62 -18.01
CA HIS A 222 -10.93 -37.54 -17.94
C HIS A 222 -10.57 -36.19 -17.38
N ILE A 223 -9.57 -36.22 -16.50
CA ILE A 223 -9.26 -35.12 -15.62
C ILE A 223 -8.27 -34.13 -16.21
N ALA A 224 -8.46 -32.86 -15.89
CA ALA A 224 -7.60 -31.77 -16.35
C ALA A 224 -6.85 -31.12 -15.18
N SER A 225 -5.76 -30.42 -15.49
CA SER A 225 -4.88 -29.83 -14.48
C SER A 225 -5.49 -28.59 -13.81
N ALA A 226 -5.03 -28.30 -12.59
CA ALA A 226 -5.52 -27.15 -11.83
C ALA A 226 -5.29 -25.84 -12.57
N THR A 227 -4.08 -25.66 -13.08
CA THR A 227 -3.71 -24.43 -13.78
C THR A 227 -4.60 -24.11 -14.95
N SER A 228 -4.61 -25.00 -15.94
CA SER A 228 -5.37 -24.79 -17.17
C SER A 228 -6.82 -24.47 -16.90
N ILE A 229 -7.36 -24.96 -15.78
CA ILE A 229 -8.72 -24.62 -15.39
C ILE A 229 -8.81 -23.18 -14.89
N ARG A 230 -7.71 -22.69 -14.31
CA ARG A 230 -7.68 -21.29 -13.89
C ARG A 230 -7.80 -20.38 -15.12
N LYS A 231 -7.00 -20.66 -16.14
CA LYS A 231 -7.05 -19.90 -17.40
C LYS A 231 -8.48 -19.75 -17.90
N ALA A 232 -9.27 -20.80 -17.73
CA ALA A 232 -10.66 -20.81 -18.15
C ALA A 232 -11.42 -19.66 -17.53
N MET A 233 -11.63 -19.75 -16.22
CA MET A 233 -12.39 -18.73 -15.51
C MET A 233 -11.83 -17.35 -15.77
N ILE A 234 -10.51 -17.26 -15.74
CA ILE A 234 -9.78 -16.02 -16.00
C ILE A 234 -10.28 -15.35 -17.28
N GLY A 235 -10.50 -16.15 -18.32
CA GLY A 235 -10.99 -15.62 -19.57
C GLY A 235 -12.49 -15.36 -19.50
N GLN A 236 -13.00 -15.29 -18.28
CA GLN A 236 -14.43 -15.08 -17.99
C GLN A 236 -15.24 -16.32 -18.36
N ASN A 237 -14.63 -17.23 -19.09
CA ASN A 237 -15.33 -18.42 -19.54
C ASN A 237 -15.12 -19.59 -18.59
N LEU A 238 -16.16 -19.90 -17.82
CA LEU A 238 -16.09 -20.96 -16.82
C LEU A 238 -16.71 -22.23 -17.40
N GLU A 239 -17.23 -22.11 -18.61
CA GLU A 239 -18.06 -23.16 -19.20
C GLU A 239 -17.24 -24.22 -19.91
N ALA A 240 -15.98 -23.93 -20.19
CA ALA A 240 -15.12 -24.89 -20.85
C ALA A 240 -14.72 -26.03 -19.90
N CYS A 241 -14.51 -25.68 -18.64
CA CYS A 241 -13.85 -26.55 -17.66
C CYS A 241 -14.78 -27.39 -16.76
N LEU A 242 -16.07 -27.37 -17.05
CA LEU A 242 -17.06 -28.04 -16.20
C LEU A 242 -16.88 -29.55 -15.90
N ARG A 243 -16.95 -30.40 -16.93
CA ARG A 243 -16.92 -31.86 -16.74
C ARG A 243 -15.71 -32.31 -15.92
N PHE A 244 -14.71 -31.43 -15.89
CA PHE A 244 -13.50 -31.59 -15.09
C PHE A 244 -13.71 -31.12 -13.65
N LEU A 245 -14.74 -30.32 -13.43
CA LEU A 245 -15.05 -29.82 -12.10
C LEU A 245 -16.21 -30.56 -11.45
N PRO A 246 -16.03 -30.98 -10.20
CA PRO A 246 -17.18 -31.49 -9.43
C PRO A 246 -18.24 -30.41 -9.28
N ALA A 247 -19.49 -30.82 -9.18
CA ALA A 247 -20.64 -29.92 -9.18
C ALA A 247 -20.52 -28.81 -8.14
N ALA A 248 -20.45 -29.23 -6.89
CA ALA A 248 -20.34 -28.30 -5.76
C ALA A 248 -19.23 -27.27 -5.92
N SER A 249 -18.19 -27.61 -6.67
CA SER A 249 -17.11 -26.67 -6.89
C SER A 249 -17.64 -25.51 -7.73
N ALA A 250 -18.29 -25.86 -8.83
CA ALA A 250 -18.79 -24.89 -9.78
C ALA A 250 -19.71 -23.86 -9.14
N ARG A 251 -20.63 -24.34 -8.31
CA ARG A 251 -21.55 -23.47 -7.59
C ARG A 251 -20.78 -22.44 -6.78
N GLU A 252 -20.08 -22.92 -5.75
CA GLU A 252 -19.40 -22.05 -4.78
C GLU A 252 -18.47 -21.07 -5.48
N LEU A 253 -17.85 -21.53 -6.57
CA LEU A 253 -17.09 -20.66 -7.46
C LEU A 253 -17.95 -19.53 -7.98
N ALA A 254 -18.89 -19.90 -8.84
CA ALA A 254 -19.81 -18.95 -9.43
C ALA A 254 -20.46 -18.13 -8.32
N ALA A 255 -20.66 -18.77 -7.17
CA ALA A 255 -21.14 -18.06 -5.99
C ALA A 255 -20.11 -17.02 -5.56
N TYR A 256 -18.84 -17.40 -5.49
CA TYR A 256 -17.80 -16.45 -5.11
C TYR A 256 -17.73 -15.31 -6.13
N ARG A 257 -17.92 -15.63 -7.40
CA ARG A 257 -17.92 -14.59 -8.41
C ARG A 257 -19.12 -13.68 -8.21
N LYS A 258 -20.28 -14.25 -7.98
CA LYS A 258 -21.46 -13.42 -7.79
C LYS A 258 -21.39 -12.70 -6.46
N SER A 259 -20.90 -13.39 -5.43
CA SER A 259 -20.84 -12.79 -4.10
C SER A 259 -19.90 -11.58 -4.04
N PHE A 260 -18.64 -11.79 -4.37
CA PHE A 260 -17.63 -10.74 -4.27
C PHE A 260 -17.20 -10.07 -5.59
N GLY A 261 -17.73 -10.54 -6.72
CA GLY A 261 -17.58 -9.81 -7.98
C GLY A 261 -16.29 -9.98 -8.74
N LEU A 262 -15.47 -10.97 -8.40
CA LEU A 262 -14.26 -11.23 -9.16
C LEU A 262 -13.72 -12.65 -8.97
N TRP A 263 -12.84 -13.05 -9.88
CA TRP A 263 -11.90 -14.13 -9.60
C TRP A 263 -10.55 -13.44 -9.38
N HIS A 264 -9.70 -14.01 -8.52
CA HIS A 264 -8.44 -13.35 -8.16
C HIS A 264 -7.27 -13.80 -9.05
N THR A 265 -6.51 -12.82 -9.54
CA THR A 265 -5.31 -13.08 -10.34
C THR A 265 -4.14 -12.33 -9.72
N PRO A 266 -2.91 -12.75 -10.03
CA PRO A 266 -1.74 -11.98 -9.56
C PRO A 266 -1.79 -10.51 -9.99
N GLU A 267 -2.27 -10.26 -11.20
CA GLU A 267 -2.34 -8.93 -11.75
C GLU A 267 -3.29 -8.05 -10.93
N SER A 268 -4.16 -8.68 -10.15
CA SER A 268 -5.11 -7.93 -9.33
C SER A 268 -4.41 -7.10 -8.28
N TYR A 269 -3.23 -7.54 -7.89
CA TYR A 269 -2.50 -6.94 -6.78
C TYR A 269 -1.41 -5.97 -7.22
N PHE A 270 -1.23 -5.81 -8.53
CA PHE A 270 -0.08 -5.08 -9.05
C PHE A 270 -0.02 -3.64 -8.62
N SER A 271 -1.17 -2.99 -8.56
CA SER A 271 -1.27 -1.62 -8.05
C SER A 271 -0.79 -1.55 -6.59
N TYR A 272 -1.08 -2.60 -5.81
CA TYR A 272 -0.75 -2.59 -4.39
C TYR A 272 0.72 -2.92 -4.16
N LEU A 273 1.26 -3.82 -4.97
CA LEU A 273 2.70 -4.00 -5.02
C LEU A 273 3.38 -2.67 -5.38
N LYS A 274 2.79 -1.97 -6.36
CA LYS A 274 3.34 -0.69 -6.80
C LYS A 274 3.34 0.35 -5.68
N TYR A 275 2.33 0.31 -4.82
CA TYR A 275 2.28 1.18 -3.66
C TYR A 275 3.32 0.75 -2.65
N SER A 276 3.42 -0.56 -2.47
CA SER A 276 4.32 -1.13 -1.48
C SER A 276 5.74 -0.70 -1.69
N LEU A 277 6.20 -0.74 -2.93
CA LEU A 277 7.58 -0.41 -3.25
C LEU A 277 7.81 1.08 -3.30
N SER A 278 6.72 1.85 -3.31
CA SER A 278 6.76 3.31 -3.28
C SER A 278 6.98 3.85 -1.88
N THR A 279 6.42 3.15 -0.91
CA THR A 279 6.43 3.54 0.49
C THR A 279 7.51 2.86 1.32
N VAL A 280 8.47 2.25 0.62
CA VAL A 280 9.57 1.55 1.26
C VAL A 280 10.90 2.25 0.97
N THR A 281 11.88 2.11 1.88
CA THR A 281 13.25 2.57 1.62
C THR A 281 14.15 1.37 1.34
N ALA A 282 15.16 1.53 0.49
CA ALA A 282 16.00 0.40 0.05
C ALA A 282 16.56 -0.38 1.22
N ARG A 283 16.81 0.30 2.34
CA ARG A 283 17.19 -0.36 3.57
C ARG A 283 16.03 -1.21 4.06
N GLU A 284 14.84 -0.61 4.08
CA GLU A 284 13.63 -1.34 4.46
C GLU A 284 13.35 -2.52 3.52
N LEU A 285 13.62 -2.33 2.23
CA LEU A 285 13.29 -3.34 1.24
C LEU A 285 14.26 -4.52 1.34
N GLN A 286 15.48 -4.24 1.76
CA GLN A 286 16.46 -5.29 1.99
C GLN A 286 16.01 -6.26 3.08
N GLN A 287 15.21 -5.78 4.01
CA GLN A 287 14.78 -6.60 5.14
C GLN A 287 13.52 -7.40 4.86
N VAL A 288 13.01 -7.32 3.64
CA VAL A 288 11.83 -8.11 3.28
C VAL A 288 12.24 -9.52 2.90
N TYR A 289 11.52 -10.48 3.47
CA TYR A 289 11.82 -11.89 3.26
C TYR A 289 11.94 -12.23 1.76
N GLU A 290 13.04 -12.92 1.42
CA GLU A 290 13.37 -13.34 0.06
C GLU A 290 13.93 -12.22 -0.83
N VAL A 291 14.13 -11.02 -0.29
CA VAL A 291 14.90 -10.03 -1.05
C VAL A 291 16.35 -10.26 -0.66
N GLU A 292 17.12 -10.86 -1.57
CA GLU A 292 18.50 -11.21 -1.25
C GLU A 292 19.34 -9.95 -1.32
N GLU A 293 20.53 -10.02 -0.72
CA GLU A 293 21.41 -8.87 -0.61
C GLU A 293 21.67 -8.26 -1.99
N GLY A 294 21.36 -6.97 -2.10
CA GLY A 294 21.61 -6.19 -3.29
C GLY A 294 20.47 -6.07 -4.30
N LEU A 295 19.47 -6.93 -4.19
CA LEU A 295 18.43 -6.98 -5.20
C LEU A 295 17.41 -5.85 -5.06
N GLU A 296 17.28 -5.33 -3.84
CA GLU A 296 16.30 -4.27 -3.58
C GLU A 296 16.54 -3.07 -4.48
N HIS A 297 17.74 -2.95 -5.02
CA HIS A 297 18.08 -1.88 -5.93
C HIS A 297 17.57 -2.20 -7.33
N ARG A 298 17.73 -3.45 -7.75
CA ARG A 298 17.20 -3.88 -9.03
C ARG A 298 15.67 -3.80 -8.99
N ILE A 299 15.09 -4.23 -7.87
CA ILE A 299 13.65 -4.22 -7.64
C ILE A 299 13.00 -2.87 -7.91
N ILE A 300 13.57 -1.85 -7.29
CA ILE A 300 13.00 -0.51 -7.33
C ILE A 300 13.08 0.13 -8.71
N ARG A 301 14.21 -0.06 -9.39
CA ARG A 301 14.38 0.38 -10.78
C ARG A 301 13.25 -0.13 -11.66
N SER A 302 12.82 -1.35 -11.41
CA SER A 302 11.94 -2.06 -12.31
C SER A 302 10.48 -1.67 -12.15
N ILE A 303 10.07 -1.40 -10.91
CA ILE A 303 8.65 -1.22 -10.60
C ILE A 303 8.11 0.13 -11.11
N ARG A 304 8.97 1.14 -11.12
CA ARG A 304 8.55 2.47 -11.51
C ARG A 304 8.11 2.51 -12.97
N LYS A 305 8.81 1.75 -13.80
CA LYS A 305 8.53 1.71 -15.23
C LYS A 305 7.70 0.51 -15.68
N SER A 306 7.29 -0.35 -14.76
CA SER A 306 6.51 -1.52 -15.12
C SER A 306 5.03 -1.25 -15.11
N SER A 307 4.38 -1.46 -16.25
CA SER A 307 2.94 -1.21 -16.37
C SER A 307 2.12 -2.45 -16.05
N SER A 308 2.80 -3.57 -15.88
CA SER A 308 2.12 -4.81 -15.58
C SER A 308 2.97 -5.64 -14.65
N TYR A 309 2.36 -6.64 -14.03
CA TYR A 309 3.12 -7.57 -13.22
C TYR A 309 4.01 -8.36 -14.14
N GLN A 310 3.52 -8.57 -15.36
CA GLN A 310 4.28 -9.33 -16.32
C GLN A 310 5.58 -8.62 -16.61
N GLU A 311 5.48 -7.37 -17.04
CA GLU A 311 6.67 -6.59 -17.35
C GLU A 311 7.61 -6.59 -16.17
N PHE A 312 7.05 -6.30 -15.00
CA PHE A 312 7.83 -6.23 -13.79
C PHE A 312 8.55 -7.55 -13.49
N MET A 313 7.83 -8.65 -13.62
CA MET A 313 8.45 -9.95 -13.43
C MET A 313 9.58 -10.13 -14.44
N GLU A 314 9.39 -9.56 -15.63
CA GLU A 314 10.36 -9.70 -16.71
C GLU A 314 11.67 -8.99 -16.39
N LEU A 315 11.58 -7.72 -15.97
CA LEU A 315 12.77 -6.93 -15.66
C LEU A 315 13.54 -7.55 -14.51
N LEU A 316 12.79 -8.21 -13.64
CA LEU A 316 13.32 -8.74 -12.41
C LEU A 316 14.10 -10.02 -12.59
N LYS A 317 13.59 -10.92 -13.44
CA LYS A 317 14.11 -12.29 -13.49
C LYS A 317 15.61 -12.35 -13.69
N THR A 318 16.26 -13.12 -12.82
CA THR A 318 17.69 -13.31 -12.88
C THR A 318 18.02 -14.80 -12.89
N LYS A 319 19.31 -15.11 -12.96
CA LYS A 319 19.77 -16.49 -12.83
C LYS A 319 19.60 -16.92 -11.39
N ARG A 320 19.85 -16.01 -10.46
CA ARG A 320 19.76 -16.30 -9.03
C ARG A 320 18.31 -16.54 -8.62
N TYR A 321 17.39 -16.08 -9.46
CA TYR A 321 15.97 -16.09 -9.12
C TYR A 321 15.11 -16.74 -10.19
N THR A 322 14.51 -17.87 -9.85
CA THR A 322 13.54 -18.50 -10.73
C THR A 322 12.26 -17.68 -10.70
N TRP A 323 11.42 -17.85 -11.72
CA TRP A 323 10.12 -17.19 -11.77
C TRP A 323 9.42 -17.33 -10.41
N THR A 324 9.12 -18.57 -10.02
CA THR A 324 8.31 -18.82 -8.83
C THR A 324 8.93 -18.30 -7.55
N ARG A 325 10.25 -18.16 -7.52
CA ARG A 325 10.86 -17.57 -6.34
C ARG A 325 10.55 -16.10 -6.28
N LEU A 326 10.59 -15.45 -7.45
CA LEU A 326 10.24 -14.04 -7.53
C LEU A 326 8.79 -13.82 -7.11
N GLN A 327 7.93 -14.76 -7.45
CA GLN A 327 6.52 -14.58 -7.09
C GLN A 327 6.35 -14.75 -5.61
N ARG A 328 7.29 -15.43 -4.98
CA ARG A 328 7.29 -15.56 -3.53
C ARG A 328 7.80 -14.30 -2.87
N MET A 329 8.87 -13.75 -3.40
CA MET A 329 9.40 -12.50 -2.90
C MET A 329 8.38 -11.38 -3.03
N ASN A 330 7.84 -11.21 -4.24
CA ASN A 330 6.83 -10.18 -4.49
C ASN A 330 5.64 -10.29 -3.57
N THR A 331 5.29 -11.51 -3.22
CA THR A 331 4.23 -11.75 -2.24
C THR A 331 4.64 -11.27 -0.86
N HIS A 332 5.88 -11.52 -0.47
CA HIS A 332 6.35 -11.04 0.83
C HIS A 332 6.49 -9.55 0.83
N ILE A 333 6.85 -9.00 -0.31
CA ILE A 333 6.88 -7.57 -0.47
C ILE A 333 5.45 -7.04 -0.37
N LEU A 334 4.51 -7.76 -0.96
CA LEU A 334 3.10 -7.43 -0.83
C LEU A 334 2.62 -7.46 0.62
N THR A 335 2.94 -8.52 1.36
CA THR A 335 2.51 -8.57 2.75
C THR A 335 3.46 -7.86 3.70
N ARG A 336 4.56 -7.35 3.17
CA ARG A 336 5.58 -6.67 3.96
C ARG A 336 6.01 -7.56 5.13
N THR A 337 6.39 -8.77 4.79
CA THR A 337 6.90 -9.73 5.75
C THR A 337 8.41 -9.60 5.80
N LYS A 338 8.93 -9.33 6.99
CA LYS A 338 10.36 -9.19 7.26
C LYS A 338 11.11 -10.51 7.44
N LYS A 339 12.41 -10.51 7.14
CA LYS A 339 13.24 -11.70 7.31
C LYS A 339 13.38 -12.19 8.76
N GLN A 340 13.59 -11.27 9.68
CA GLN A 340 13.87 -11.65 11.06
C GLN A 340 12.64 -12.30 11.68
N ASP A 341 11.49 -11.69 11.46
CA ASP A 341 10.23 -12.23 11.92
C ASP A 341 10.02 -13.61 11.34
N MET A 342 10.52 -13.80 10.13
CA MET A 342 10.34 -15.05 9.43
C MET A 342 11.28 -16.11 9.97
N GLN A 343 12.51 -15.71 10.23
CA GLN A 343 13.47 -16.63 10.83
C GLN A 343 13.01 -17.00 12.23
N LYS A 344 12.37 -16.06 12.89
CA LYS A 344 11.83 -16.32 14.21
C LYS A 344 10.83 -17.47 14.18
N LEU A 345 9.88 -17.42 13.25
CA LEU A 345 8.81 -18.41 13.19
C LEU A 345 9.18 -19.77 12.56
N LEU A 346 10.17 -19.75 11.66
CA LEU A 346 10.60 -21.00 11.05
C LEU A 346 11.44 -21.79 12.03
N ASP A 347 11.91 -21.13 13.07
CA ASP A 347 12.69 -21.77 14.12
C ASP A 347 11.93 -22.81 14.92
N ASN A 348 10.67 -22.52 15.23
CA ASN A 348 9.77 -23.46 15.86
C ASN A 348 9.74 -24.80 15.12
N ASP A 349 9.85 -25.91 15.86
CA ASP A 349 9.97 -27.25 15.28
C ASP A 349 8.64 -27.83 14.82
N LYS A 350 7.56 -27.40 15.46
CA LYS A 350 6.23 -27.82 15.05
C LYS A 350 5.32 -26.64 14.74
N ALA A 351 4.21 -26.94 14.07
CA ALA A 351 3.24 -25.93 13.70
C ALA A 351 2.75 -25.21 14.95
N PRO A 352 2.70 -23.88 14.90
CA PRO A 352 2.38 -23.05 16.07
C PRO A 352 0.92 -23.22 16.54
N TYR A 353 0.05 -23.57 15.60
CA TYR A 353 -1.38 -23.74 15.87
C TYR A 353 -1.99 -24.63 14.82
N ILE A 354 -3.17 -25.17 15.11
CA ILE A 354 -3.94 -25.86 14.10
C ILE A 354 -5.19 -25.03 13.78
N ARG A 355 -5.23 -24.49 12.58
CA ARG A 355 -6.28 -23.57 12.16
C ARG A 355 -7.44 -24.31 11.50
N LEU A 356 -8.61 -24.27 12.13
CA LEU A 356 -9.74 -25.05 11.64
C LEU A 356 -10.59 -24.22 10.69
N LEU A 357 -10.51 -24.56 9.40
CA LEU A 357 -11.35 -23.93 8.38
C LEU A 357 -12.71 -24.59 8.26
N GLY A 358 -12.71 -25.92 8.27
CA GLY A 358 -13.94 -26.66 8.06
C GLY A 358 -13.84 -28.12 8.44
N MET A 359 -14.98 -28.73 8.72
CA MET A 359 -15.05 -30.12 9.12
C MET A 359 -16.38 -30.76 8.73
N THR A 360 -16.35 -32.04 8.43
CA THR A 360 -17.58 -32.79 8.26
C THR A 360 -18.02 -33.23 9.66
N LYS A 361 -19.09 -34.01 9.75
CA LYS A 361 -19.46 -34.61 11.03
C LYS A 361 -18.44 -35.68 11.44
N LYS A 362 -17.75 -36.24 10.45
CA LYS A 362 -16.68 -37.20 10.70
C LYS A 362 -15.43 -36.46 11.13
N GLY A 363 -15.08 -35.42 10.38
CA GLY A 363 -13.94 -34.59 10.73
C GLY A 363 -14.10 -33.98 12.10
N GLN A 364 -15.32 -33.57 12.42
CA GLN A 364 -15.61 -33.09 13.76
C GLN A 364 -15.43 -34.20 14.78
N ALA A 365 -15.84 -35.41 14.39
CA ALA A 365 -15.74 -36.55 15.27
C ALA A 365 -14.28 -36.89 15.53
N TYR A 366 -13.53 -37.09 14.44
CA TYR A 366 -12.11 -37.40 14.53
C TYR A 366 -11.40 -36.40 15.42
N LEU A 367 -11.63 -35.12 15.12
CA LEU A 367 -11.11 -34.00 15.89
C LEU A 367 -11.40 -34.15 17.40
N SER A 368 -12.68 -34.19 17.76
CA SER A 368 -13.03 -34.25 19.18
C SER A 368 -12.41 -35.47 19.85
N GLU A 369 -12.04 -36.46 19.06
CA GLU A 369 -11.30 -37.61 19.59
C GLU A 369 -9.84 -37.26 19.82
N LYS A 370 -9.23 -36.56 18.87
CA LYS A 370 -7.79 -36.23 18.98
C LYS A 370 -7.52 -34.83 19.54
N LYS A 371 -8.57 -34.07 19.84
CA LYS A 371 -8.39 -32.67 20.27
C LYS A 371 -7.65 -32.55 21.59
N LYS A 372 -8.06 -33.37 22.55
CA LYS A 372 -7.37 -33.49 23.83
C LYS A 372 -5.88 -33.72 23.62
N ALA A 373 -5.53 -34.47 22.57
CA ALA A 373 -4.16 -34.90 22.32
C ALA A 373 -3.30 -33.86 21.61
N LEU A 374 -3.93 -32.81 21.09
CA LEU A 374 -3.21 -31.78 20.36
C LEU A 374 -2.31 -31.00 21.30
N SER A 375 -1.06 -30.76 20.90
CA SER A 375 -0.12 -30.04 21.77
C SER A 375 -0.04 -28.53 21.48
N VAL A 376 -0.76 -28.07 20.46
CA VAL A 376 -0.82 -26.64 20.15
C VAL A 376 -2.29 -26.29 19.95
N PRO A 377 -2.65 -25.01 20.08
CA PRO A 377 -4.09 -24.75 20.18
C PRO A 377 -4.82 -24.95 18.88
N LEU A 378 -6.04 -25.45 19.01
CA LEU A 378 -6.94 -25.56 17.88
C LEU A 378 -7.66 -24.24 17.69
N VAL A 379 -7.56 -23.68 16.51
CA VAL A 379 -8.18 -22.39 16.26
C VAL A 379 -9.39 -22.57 15.36
N SER A 380 -10.54 -22.18 15.88
CA SER A 380 -11.79 -22.21 15.13
C SER A 380 -12.25 -20.78 14.83
N LYS A 381 -12.53 -20.03 15.89
CA LYS A 381 -12.71 -18.58 15.80
C LYS A 381 -11.41 -17.91 16.19
N LEU A 382 -11.07 -16.81 15.51
CA LEU A 382 -9.77 -16.18 15.68
C LEU A 382 -9.45 -15.63 17.08
N SER A 383 -10.46 -15.47 17.92
CA SER A 383 -10.26 -14.92 19.25
C SER A 383 -9.63 -15.93 20.22
N SER A 384 -9.48 -17.17 19.76
CA SER A 384 -9.17 -18.31 20.63
C SER A 384 -7.68 -18.51 20.93
N PHE A 385 -6.83 -17.62 20.44
CA PHE A 385 -5.39 -17.76 20.57
C PHE A 385 -4.70 -16.54 19.97
N SER A 386 -3.47 -16.29 20.36
CA SER A 386 -2.71 -15.26 19.68
C SER A 386 -1.27 -15.69 19.50
N HIS A 387 -0.82 -15.60 18.26
CA HIS A 387 0.50 -16.04 17.87
C HIS A 387 0.94 -15.15 16.73
N PRO A 388 2.25 -14.91 16.61
CA PRO A 388 2.79 -14.11 15.50
C PRO A 388 2.56 -14.74 14.13
N ALA A 389 2.44 -16.06 14.06
CA ALA A 389 2.26 -16.74 12.79
C ALA A 389 0.84 -16.57 12.30
N LEU A 390 -0.07 -16.34 13.23
CA LEU A 390 -1.47 -16.16 12.89
C LEU A 390 -1.73 -14.74 12.41
N ASP A 391 -1.07 -13.77 13.02
CA ASP A 391 -1.15 -12.38 12.55
C ASP A 391 -0.83 -12.34 11.08
N LEU A 392 0.20 -13.10 10.73
CA LEU A 392 0.62 -13.33 9.38
C LEU A 392 -0.52 -13.85 8.51
N ASP A 393 -1.18 -14.91 8.96
CA ASP A 393 -2.34 -15.46 8.28
C ASP A 393 -3.45 -14.44 8.07
N VAL A 394 -3.69 -13.62 9.09
CA VAL A 394 -4.75 -12.62 9.03
C VAL A 394 -4.34 -11.42 8.19
N LYS A 395 -3.07 -11.03 8.25
CA LYS A 395 -2.60 -9.93 7.43
C LYS A 395 -2.65 -10.32 5.97
N ALA A 396 -2.30 -11.58 5.68
CA ALA A 396 -2.38 -12.08 4.30
C ALA A 396 -3.78 -11.92 3.73
N SER A 397 -4.77 -12.22 4.56
CA SER A 397 -6.17 -12.09 4.17
C SER A 397 -6.56 -10.65 3.97
N ARG A 398 -6.09 -9.77 4.84
CA ARG A 398 -6.39 -8.34 4.75
C ARG A 398 -5.89 -7.75 3.46
N ILE A 399 -4.80 -8.30 2.95
CA ILE A 399 -4.24 -7.89 1.69
C ILE A 399 -5.04 -8.51 0.55
N TYR A 400 -5.35 -9.78 0.73
CA TYR A 400 -5.99 -10.58 -0.31
C TYR A 400 -7.27 -9.96 -0.85
N SER A 401 -8.05 -9.35 0.04
CA SER A 401 -9.37 -8.84 -0.28
C SER A 401 -9.36 -7.52 -1.02
N LEU A 402 -8.23 -6.83 -1.01
CA LEU A 402 -8.12 -5.51 -1.61
C LEU A 402 -8.70 -5.37 -3.02
N PRO A 403 -8.51 -6.38 -3.89
CA PRO A 403 -9.09 -6.22 -5.22
C PRO A 403 -10.61 -6.22 -5.27
N ILE A 404 -11.25 -6.66 -4.20
CA ILE A 404 -12.71 -6.60 -4.18
C ILE A 404 -13.15 -5.14 -4.11
N GLU A 405 -14.05 -4.77 -5.00
CA GLU A 405 -14.55 -3.40 -5.06
C GLU A 405 -15.33 -3.09 -3.80
N GLU A 406 -14.94 -2.04 -3.11
CA GLU A 406 -15.63 -1.58 -1.92
C GLU A 406 -17.10 -1.32 -2.27
N PRO A 407 -18.04 -1.55 -1.33
CA PRO A 407 -18.05 -2.08 0.04
C PRO A 407 -17.86 -3.58 0.13
N LEU A 408 -17.99 -4.28 -1.00
CA LEU A 408 -17.94 -5.75 -1.02
C LEU A 408 -16.68 -6.32 -0.42
N ARG A 409 -15.58 -5.59 -0.55
CA ARG A 409 -14.32 -5.97 0.07
C ARG A 409 -14.46 -5.96 1.58
N THR A 410 -15.16 -4.95 2.10
CA THR A 410 -15.31 -4.79 3.54
C THR A 410 -16.13 -5.93 4.15
N GLU A 411 -17.25 -6.26 3.49
CA GLU A 411 -18.06 -7.40 3.90
C GLU A 411 -17.20 -8.64 3.99
N PHE A 412 -16.35 -8.82 2.99
CA PHE A 412 -15.49 -9.98 2.95
C PHE A 412 -14.60 -10.01 4.18
N ASP A 413 -14.11 -8.85 4.57
CA ASP A 413 -13.09 -8.76 5.60
C ASP A 413 -13.61 -9.25 6.95
N LEU A 414 -14.92 -9.21 7.13
CA LEU A 414 -15.50 -9.61 8.40
C LEU A 414 -15.37 -11.10 8.61
N GLN A 415 -14.99 -11.81 7.55
CA GLN A 415 -14.99 -13.26 7.57
C GLN A 415 -13.87 -13.88 8.39
N GLU A 416 -12.64 -13.41 8.17
CA GLU A 416 -11.49 -14.00 8.83
C GLU A 416 -11.72 -14.10 10.32
N TYR A 417 -12.23 -13.01 10.90
CA TYR A 417 -12.58 -13.02 12.31
C TYR A 417 -13.97 -13.61 12.51
N GLY A 418 -14.86 -13.31 11.58
CA GLY A 418 -16.22 -13.79 11.69
C GLY A 418 -16.35 -15.28 11.46
N HIS A 419 -15.77 -15.79 10.39
CA HIS A 419 -16.07 -17.15 9.99
C HIS A 419 -15.48 -18.15 10.99
N ALA A 420 -16.40 -18.91 11.59
CA ALA A 420 -16.11 -20.05 12.42
C ALA A 420 -16.07 -21.26 11.49
N PRO A 421 -15.48 -22.39 11.93
CA PRO A 421 -15.28 -23.52 11.02
C PRO A 421 -16.53 -23.88 10.22
N ILE A 422 -16.32 -24.19 8.95
CA ILE A 422 -17.40 -24.51 8.06
C ILE A 422 -17.80 -25.96 8.21
N ARG A 423 -19.06 -26.21 8.58
CA ARG A 423 -19.45 -27.56 8.94
C ARG A 423 -20.44 -28.18 7.96
N TYR A 424 -19.98 -29.20 7.25
CA TYR A 424 -20.85 -29.92 6.31
C TYR A 424 -21.29 -31.26 6.88
N ASP A 425 -22.51 -31.66 6.54
CA ASP A 425 -23.03 -32.98 6.88
C ASP A 425 -23.16 -33.86 5.64
N GLU A 426 -22.42 -34.95 5.66
CA GLU A 426 -22.32 -35.88 4.53
C GLU A 426 -23.60 -36.69 4.32
N ASP A 427 -24.55 -36.54 5.24
CA ASP A 427 -25.88 -37.10 5.01
C ASP A 427 -26.63 -35.96 4.33
N GLU A 428 -26.82 -36.13 3.03
CA GLU A 428 -26.41 -35.07 2.12
C GLU A 428 -26.88 -33.67 2.45
N GLN A 429 -25.92 -32.75 2.34
CA GLN A 429 -26.15 -31.31 2.39
C GLN A 429 -26.81 -30.77 3.66
N HIS A 430 -26.04 -30.72 4.73
CA HIS A 430 -26.38 -29.83 5.83
C HIS A 430 -25.18 -28.99 6.24
N PHE A 431 -25.25 -27.69 5.97
CA PHE A 431 -24.29 -26.75 6.55
C PHE A 431 -24.96 -26.12 7.75
N LEU A 432 -24.27 -26.10 8.88
CA LEU A 432 -24.90 -25.69 10.13
C LEU A 432 -24.87 -24.17 10.41
N ASN A 433 -24.00 -23.44 9.72
CA ASN A 433 -23.84 -22.01 9.99
C ASN A 433 -24.94 -21.18 9.33
N MET B 20 14.17 44.87 -11.49
CA MET B 20 13.13 43.89 -11.72
C MET B 20 12.41 43.52 -10.41
N LYS B 21 11.09 43.60 -10.41
CA LYS B 21 10.27 43.47 -9.20
C LYS B 21 9.26 42.34 -9.27
N ALA B 22 9.26 41.47 -8.27
CA ALA B 22 8.28 40.40 -8.18
C ALA B 22 7.46 40.47 -6.91
N VAL B 23 6.20 40.08 -7.04
CA VAL B 23 5.32 39.91 -5.89
C VAL B 23 5.11 38.43 -5.69
N GLY B 24 5.27 37.96 -4.46
CA GLY B 24 5.11 36.54 -4.18
C GLY B 24 3.66 36.16 -3.95
N LEU B 25 3.28 34.97 -4.43
CA LEU B 25 1.92 34.49 -4.28
C LEU B 25 1.88 33.08 -3.68
N VAL B 26 1.33 32.96 -2.48
CA VAL B 26 1.21 31.67 -1.84
C VAL B 26 -0.13 31.08 -2.25
N VAL B 27 -0.11 30.02 -3.06
CA VAL B 27 -1.32 29.48 -3.68
C VAL B 27 -1.35 27.97 -3.82
N GLU B 28 -2.55 27.42 -3.92
CA GLU B 28 -2.76 26.09 -4.48
C GLU B 28 -3.89 26.21 -5.47
N TYR B 29 -3.60 26.07 -6.75
CA TYR B 29 -4.69 26.33 -7.67
C TYR B 29 -5.40 25.02 -7.93
N ASN B 30 -6.53 24.85 -7.27
CA ASN B 30 -7.20 23.56 -7.22
C ASN B 30 -8.73 23.66 -7.45
N PRO B 31 -9.15 24.06 -8.66
CA PRO B 31 -8.27 24.53 -9.74
C PRO B 31 -8.06 26.04 -9.67
N PHE B 32 -7.40 26.60 -10.67
CA PHE B 32 -7.21 28.04 -10.78
C PHE B 32 -8.50 28.68 -11.31
N HIS B 33 -9.14 29.51 -10.52
CA HIS B 33 -10.45 30.02 -10.94
C HIS B 33 -10.47 31.52 -11.15
N ASN B 34 -11.66 32.03 -11.47
CA ASN B 34 -11.86 33.45 -11.71
C ASN B 34 -11.35 34.29 -10.54
N GLY B 35 -11.30 33.69 -9.35
CA GLY B 35 -10.82 34.37 -8.16
C GLY B 35 -9.30 34.45 -8.14
N HIS B 36 -8.65 33.45 -8.72
CA HIS B 36 -7.20 33.45 -8.85
C HIS B 36 -6.73 34.28 -10.06
N LEU B 37 -7.56 34.35 -11.10
CA LEU B 37 -7.21 35.14 -12.28
C LEU B 37 -7.17 36.62 -11.96
N TYR B 38 -8.16 37.06 -11.18
CA TYR B 38 -8.31 38.43 -10.74
C TYR B 38 -7.26 38.77 -9.67
N HIS B 39 -6.86 37.78 -8.88
CA HIS B 39 -5.93 38.01 -7.80
C HIS B 39 -4.49 38.14 -8.30
N ALA B 40 -4.19 37.50 -9.44
CA ALA B 40 -2.86 37.60 -10.06
C ALA B 40 -2.67 38.88 -10.87
N GLN B 41 -3.76 39.42 -11.41
CA GLN B 41 -3.71 40.68 -12.14
C GLN B 41 -3.57 41.86 -11.18
N THR B 42 -4.42 41.83 -10.15
CA THR B 42 -4.43 42.86 -9.12
C THR B 42 -3.11 42.85 -8.36
N ALA B 43 -2.51 41.66 -8.26
CA ALA B 43 -1.21 41.50 -7.63
C ALA B 43 -0.19 42.44 -8.26
N LYS B 44 0.09 42.25 -9.54
CA LYS B 44 1.05 43.06 -10.25
C LYS B 44 0.58 44.51 -10.33
N LEU B 45 -0.71 44.71 -10.15
CA LEU B 45 -1.30 46.04 -10.16
C LEU B 45 -0.97 46.77 -8.87
N GLN B 46 -1.44 46.22 -7.75
CA GLN B 46 -1.31 46.87 -6.46
C GLN B 46 0.08 46.76 -5.83
N THR B 47 0.91 45.83 -6.28
CA THR B 47 2.26 45.68 -5.73
C THR B 47 3.33 46.34 -6.58
N GLY B 48 2.92 46.85 -7.74
CA GLY B 48 3.83 47.52 -8.65
C GLY B 48 4.94 46.63 -9.19
N CYS B 49 4.82 45.33 -8.98
CA CYS B 49 5.88 44.43 -9.38
C CYS B 49 5.58 43.82 -10.73
N ASP B 50 6.60 43.82 -11.59
CA ASP B 50 6.45 43.38 -12.96
C ASP B 50 6.30 41.89 -13.06
N THR B 51 6.48 41.20 -11.94
CA THR B 51 6.50 39.74 -11.97
C THR B 51 5.64 39.08 -10.90
N ALA B 52 4.85 38.08 -11.30
CA ALA B 52 4.10 37.28 -10.36
C ALA B 52 4.78 35.94 -10.13
N VAL B 53 5.23 35.73 -8.90
CA VAL B 53 5.88 34.51 -8.49
C VAL B 53 5.00 33.75 -7.51
N ALA B 54 4.54 32.57 -7.91
CA ALA B 54 3.70 31.74 -7.05
C ALA B 54 4.46 30.55 -6.48
N VAL B 55 4.32 30.33 -5.18
CA VAL B 55 4.76 29.08 -4.59
C VAL B 55 3.50 28.29 -4.43
N MET B 56 3.51 27.04 -4.87
CA MET B 56 2.27 26.28 -4.95
C MET B 56 2.43 24.82 -4.57
N SER B 57 1.52 24.33 -3.73
CA SER B 57 1.53 22.94 -3.29
C SER B 57 1.54 22.03 -4.50
N GLY B 58 2.37 20.99 -4.49
CA GLY B 58 2.50 20.18 -5.68
C GLY B 58 1.35 19.25 -6.01
N HIS B 59 1.15 18.27 -5.14
CA HIS B 59 0.26 17.14 -5.45
C HIS B 59 -0.69 16.96 -4.29
N PHE B 60 -0.14 16.86 -3.09
CA PHE B 60 -0.97 16.96 -1.89
C PHE B 60 -0.85 18.34 -1.24
N LEU B 61 -1.97 18.81 -0.70
CA LEU B 61 -2.17 20.22 -0.36
C LEU B 61 -2.32 20.47 1.14
N GLN B 62 -2.60 21.72 1.53
CA GLN B 62 -2.68 22.10 2.95
C GLN B 62 -3.92 21.56 3.62
N ARG B 63 -5.04 21.63 2.90
CA ARG B 63 -6.30 21.11 3.38
C ARG B 63 -6.19 19.60 3.57
N GLY B 64 -5.16 19.03 2.96
CA GLY B 64 -4.79 17.65 3.17
C GLY B 64 -5.10 16.74 2.01
N GLU B 65 -5.92 17.22 1.09
CA GLU B 65 -6.43 16.40 0.00
C GLU B 65 -5.48 16.33 -1.18
N PRO B 66 -5.68 15.34 -2.07
CA PRO B 66 -4.98 15.34 -3.35
C PRO B 66 -5.36 16.54 -4.21
N ALA B 67 -4.43 17.02 -5.03
CA ALA B 67 -4.78 18.03 -6.02
C ALA B 67 -5.65 17.39 -7.07
N VAL B 68 -6.60 18.15 -7.62
CA VAL B 68 -7.47 17.65 -8.68
C VAL B 68 -6.67 17.09 -9.86
N VAL B 69 -5.55 17.74 -10.13
CA VAL B 69 -4.81 17.56 -11.36
C VAL B 69 -3.34 17.79 -10.97
N SER B 70 -2.40 17.23 -11.72
CA SER B 70 -1.00 17.26 -11.33
C SER B 70 -0.50 18.68 -11.20
N LYS B 71 0.58 18.85 -10.45
CA LYS B 71 1.19 20.17 -10.30
C LYS B 71 1.60 20.76 -11.64
N TRP B 72 1.77 19.89 -12.63
CA TRP B 72 2.20 20.31 -13.96
C TRP B 72 1.12 21.06 -14.69
N ALA B 73 -0.07 20.48 -14.73
CA ALA B 73 -1.13 21.07 -15.50
C ALA B 73 -1.70 22.29 -14.79
N ARG B 74 -1.67 22.27 -13.46
CA ARG B 74 -2.18 23.40 -12.68
C ARG B 74 -1.25 24.60 -12.86
N THR B 75 0.04 24.32 -13.03
CA THR B 75 1.03 25.32 -13.42
C THR B 75 0.61 26.03 -14.71
N LYS B 76 -0.06 25.29 -15.58
CA LYS B 76 -0.43 25.82 -16.87
C LYS B 76 -1.63 26.76 -16.81
N MET B 77 -2.53 26.54 -15.86
CA MET B 77 -3.65 27.46 -15.69
C MET B 77 -3.18 28.79 -15.13
N ALA B 78 -2.06 28.73 -14.40
CA ALA B 78 -1.44 29.89 -13.78
C ALA B 78 -0.60 30.73 -14.72
N LEU B 79 0.27 30.07 -15.49
CA LEU B 79 1.13 30.77 -16.43
C LEU B 79 0.32 31.53 -17.46
N GLN B 80 -0.88 31.04 -17.75
CA GLN B 80 -1.74 31.67 -18.73
C GLN B 80 -2.64 32.74 -18.13
N SER B 81 -2.71 32.77 -16.81
CA SER B 81 -3.47 33.80 -16.09
C SER B 81 -2.66 34.91 -15.45
N GLY B 82 -1.37 34.98 -15.78
CA GLY B 82 -0.58 36.14 -15.37
C GLY B 82 0.35 35.86 -14.21
N VAL B 83 0.51 34.59 -13.90
CA VAL B 83 1.53 34.18 -12.95
C VAL B 83 2.79 33.93 -13.74
N ASP B 84 3.84 34.67 -13.43
CA ASP B 84 5.04 34.63 -14.24
C ASP B 84 5.99 33.54 -13.81
N LEU B 85 5.83 33.08 -12.58
CA LEU B 85 6.73 32.06 -12.07
C LEU B 85 6.03 31.15 -11.09
N VAL B 86 6.29 29.85 -11.18
CA VAL B 86 5.68 28.89 -10.27
C VAL B 86 6.68 27.91 -9.65
N ILE B 87 6.76 27.92 -8.32
CA ILE B 87 7.66 27.04 -7.58
C ILE B 87 6.82 26.08 -6.76
N GLU B 88 7.24 24.83 -6.65
CA GLU B 88 6.51 23.90 -5.81
C GLU B 88 6.71 24.26 -4.35
N LEU B 89 5.62 24.24 -3.60
CA LEU B 89 5.70 24.29 -2.17
C LEU B 89 5.87 22.85 -1.72
N PRO B 90 7.04 22.52 -1.18
CA PRO B 90 7.29 21.12 -0.84
C PRO B 90 6.25 20.61 0.11
N TYR B 91 5.94 19.32 -0.03
CA TYR B 91 5.05 18.57 0.83
C TYR B 91 5.34 18.91 2.28
N LEU B 92 6.62 19.03 2.56
CA LEU B 92 7.12 19.43 3.85
C LEU B 92 6.38 20.63 4.40
N TYR B 93 6.27 21.66 3.58
CA TYR B 93 5.50 22.84 3.96
C TYR B 93 4.02 22.74 3.62
N ALA B 94 3.73 22.24 2.43
CA ALA B 94 2.37 22.20 1.92
C ALA B 94 1.42 21.43 2.82
N VAL B 95 1.75 20.20 3.20
CA VAL B 95 0.76 19.47 3.97
C VAL B 95 1.12 19.65 5.42
N GLN B 96 0.56 20.71 5.99
CA GLN B 96 0.92 21.18 7.31
C GLN B 96 -0.11 22.12 7.87
N LYS B 97 -0.07 22.28 9.18
CA LYS B 97 -0.84 23.28 9.88
C LYS B 97 -0.43 24.69 9.42
N ALA B 98 -1.38 25.62 9.40
CA ALA B 98 -1.18 26.95 8.81
C ALA B 98 0.01 27.73 9.38
N ASP B 99 0.36 27.48 10.64
CA ASP B 99 1.51 28.12 11.25
C ASP B 99 2.81 27.75 10.52
N ILE B 100 2.90 26.48 10.13
CA ILE B 100 4.07 25.94 9.43
C ILE B 100 4.04 26.22 7.94
N PHE B 101 2.86 26.03 7.36
CA PHE B 101 2.62 26.27 5.95
C PHE B 101 2.99 27.70 5.55
N ALA B 102 2.63 28.66 6.38
CA ALA B 102 2.94 30.06 6.14
C ALA B 102 4.44 30.31 6.17
N ARG B 103 5.10 29.82 7.22
CA ARG B 103 6.53 29.97 7.41
C ARG B 103 7.34 29.63 6.15
N GLY B 104 7.25 28.37 5.72
CA GLY B 104 8.04 27.88 4.60
C GLY B 104 7.73 28.54 3.27
N SER B 105 6.45 28.82 3.02
CA SER B 105 6.04 29.48 1.81
C SER B 105 6.62 30.88 1.73
N VAL B 106 6.40 31.67 2.78
CA VAL B 106 6.98 32.99 2.87
C VAL B 106 8.49 32.92 2.80
N SER B 107 9.04 31.87 3.40
CA SER B 107 10.49 31.63 3.42
C SER B 107 11.06 31.48 2.01
N ILE B 108 10.34 30.75 1.17
CA ILE B 108 10.77 30.54 -0.22
C ILE B 108 10.62 31.82 -1.05
N LEU B 109 9.54 32.55 -0.80
CA LEU B 109 9.28 33.78 -1.54
C LEU B 109 10.33 34.85 -1.25
N ASN B 110 10.87 34.85 -0.04
CA ASN B 110 11.96 35.76 0.28
C ASN B 110 13.29 35.28 -0.31
N GLU B 111 13.46 33.97 -0.46
CA GLU B 111 14.68 33.44 -1.05
C GLU B 111 14.79 33.91 -2.47
N LEU B 112 13.63 33.96 -3.13
CA LEU B 112 13.52 34.48 -4.48
C LEU B 112 13.41 36.00 -4.46
N GLU B 113 13.42 36.55 -3.24
CA GLU B 113 13.53 37.98 -3.01
C GLU B 113 12.34 38.77 -3.55
N CYS B 114 11.14 38.25 -3.28
CA CYS B 114 9.94 39.00 -3.58
C CYS B 114 9.83 40.15 -2.61
N GLU B 115 9.67 41.35 -3.16
CA GLU B 115 9.59 42.52 -2.31
C GLU B 115 8.18 42.74 -1.85
N ALA B 116 7.23 42.06 -2.49
CA ALA B 116 5.84 42.23 -2.13
C ALA B 116 5.16 40.90 -1.90
N LEU B 117 4.15 40.91 -1.05
CA LEU B 117 3.32 39.74 -0.79
C LEU B 117 1.84 40.12 -0.90
N PHE B 118 1.05 39.23 -1.49
CA PHE B 118 -0.34 39.54 -1.80
C PHE B 118 -1.25 38.34 -1.52
N PHE B 119 -2.25 38.52 -0.65
CA PHE B 119 -3.17 37.44 -0.31
C PHE B 119 -4.61 37.92 -0.17
N GLY B 120 -5.54 37.14 -0.73
CA GLY B 120 -6.95 37.45 -0.56
C GLY B 120 -7.33 37.15 0.87
N SER B 121 -8.50 37.61 1.28
CA SER B 121 -8.93 37.42 2.66
C SER B 121 -10.35 37.87 2.87
N GLU B 122 -10.93 37.47 3.99
CA GLU B 122 -12.28 37.87 4.33
C GLU B 122 -12.24 39.31 4.80
N ASN B 123 -11.03 39.76 5.13
CA ASN B 123 -10.81 41.14 5.46
C ASN B 123 -9.87 41.76 4.44
N GLY B 124 -10.37 42.71 3.67
CA GLY B 124 -9.56 43.32 2.64
C GLY B 124 -8.50 44.21 3.24
N ASP B 125 -8.52 44.28 4.56
CA ASP B 125 -7.73 45.25 5.30
C ASP B 125 -6.51 44.62 5.95
N ILE B 126 -5.33 45.07 5.55
CA ILE B 126 -4.09 44.58 6.14
C ILE B 126 -3.85 45.11 7.55
N LYS B 127 -4.49 46.22 7.88
CA LYS B 127 -4.19 46.92 9.12
C LYS B 127 -4.55 46.10 10.35
N PRO B 128 -5.75 45.50 10.39
CA PRO B 128 -5.95 44.61 11.54
C PRO B 128 -5.06 43.35 11.48
N PHE B 129 -4.52 43.01 10.32
CA PHE B 129 -3.52 41.96 10.25
C PHE B 129 -2.24 42.46 10.91
N LEU B 130 -1.81 43.63 10.46
CA LEU B 130 -0.59 44.24 10.98
C LEU B 130 -0.76 44.61 12.44
N GLU B 131 -1.92 45.19 12.78
CA GLU B 131 -2.20 45.53 14.17
C GLU B 131 -2.07 44.31 15.04
N THR B 132 -2.94 43.33 14.80
CA THR B 132 -3.04 42.13 15.60
C THR B 132 -1.67 41.56 15.91
N ALA B 133 -0.95 41.18 14.86
CA ALA B 133 0.41 40.67 15.02
C ALA B 133 1.26 41.62 15.89
N GLN B 134 1.29 42.89 15.53
CA GLN B 134 2.08 43.86 16.30
C GLN B 134 1.48 44.02 17.70
N LEU B 135 0.21 43.70 17.83
CA LEU B 135 -0.48 43.79 19.10
C LEU B 135 -0.07 42.64 19.98
N ILE B 136 -0.04 41.45 19.40
CA ILE B 136 0.13 40.22 20.16
C ILE B 136 1.52 40.11 20.78
N ASP B 137 2.56 40.36 20.00
CA ASP B 137 3.91 40.25 20.54
C ASP B 137 4.14 41.28 21.64
N GLU B 138 3.46 42.41 21.53
CA GLU B 138 3.53 43.45 22.54
C GLU B 138 3.14 42.91 23.91
N HIS B 139 2.16 42.01 23.91
CA HIS B 139 1.68 41.34 25.11
C HIS B 139 2.15 39.90 25.34
N LYS B 140 3.00 39.37 24.46
CA LYS B 140 3.19 37.91 24.36
C LYS B 140 3.54 37.26 25.70
N HIS B 141 4.04 38.05 26.64
CA HIS B 141 4.24 37.56 28.00
C HIS B 141 2.91 37.46 28.74
N ILE B 142 2.06 38.47 28.55
CA ILE B 142 0.78 38.57 29.24
C ILE B 142 -0.09 37.35 28.93
N LEU B 143 0.11 36.77 27.75
CA LEU B 143 -0.68 35.64 27.29
C LEU B 143 -0.34 34.36 28.03
N ASN B 144 0.91 33.92 27.91
CA ASN B 144 1.35 32.66 28.48
C ASN B 144 1.14 32.60 29.99
N ASP B 145 1.01 33.76 30.61
CA ASP B 145 0.66 33.85 32.02
C ASP B 145 -0.83 33.54 32.24
N ARG B 146 -1.69 34.16 31.46
CA ARG B 146 -3.12 33.93 31.59
C ARG B 146 -3.47 32.55 31.06
N ILE B 147 -2.68 32.08 30.10
CA ILE B 147 -2.84 30.72 29.62
C ILE B 147 -2.57 29.74 30.77
N LYS B 148 -1.39 29.84 31.36
CA LYS B 148 -1.02 28.95 32.45
C LYS B 148 -1.95 29.16 33.64
N GLU B 149 -2.42 30.38 33.83
CA GLU B 149 -3.38 30.68 34.88
C GLU B 149 -4.70 29.96 34.60
N GLU B 150 -5.05 29.86 33.33
CA GLU B 150 -6.20 29.07 32.91
C GLU B 150 -5.84 27.60 32.93
N LEU B 151 -4.66 27.27 32.42
CA LEU B 151 -4.15 25.91 32.45
C LEU B 151 -4.04 25.31 33.84
N LYS B 152 -3.43 26.04 34.78
CA LYS B 152 -3.29 25.53 36.13
C LYS B 152 -4.66 25.40 36.79
N LYS B 153 -5.62 26.21 36.36
CA LYS B 153 -6.98 26.08 36.86
C LYS B 153 -7.66 24.89 36.18
N GLY B 154 -6.99 24.30 35.20
CA GLY B 154 -7.46 23.08 34.56
C GLY B 154 -8.08 23.19 33.18
N ALA B 155 -7.96 24.36 32.57
CA ALA B 155 -8.52 24.59 31.23
C ALA B 155 -7.79 23.77 30.17
N SER B 156 -8.46 23.49 29.07
CA SER B 156 -7.81 22.78 27.98
C SER B 156 -6.87 23.74 27.30
N TYR B 157 -6.13 23.23 26.33
CA TYR B 157 -5.15 24.05 25.62
C TYR B 157 -5.82 25.13 24.77
N PRO B 158 -6.75 24.75 23.87
CA PRO B 158 -7.35 25.81 23.05
C PRO B 158 -8.19 26.78 23.85
N ALA B 159 -8.89 26.25 24.85
CA ALA B 159 -9.67 27.08 25.75
C ALA B 159 -8.78 28.11 26.42
N ALA B 160 -7.74 27.62 27.09
CA ALA B 160 -6.80 28.49 27.79
C ALA B 160 -6.17 29.46 26.81
N ALA B 161 -6.07 29.04 25.55
CA ALA B 161 -5.58 29.92 24.52
C ALA B 161 -6.69 30.88 24.11
N ALA B 162 -7.89 30.35 23.91
CA ALA B 162 -9.03 31.15 23.48
C ALA B 162 -9.31 32.24 24.49
N ILE B 163 -9.08 31.92 25.75
CA ILE B 163 -9.33 32.83 26.85
C ILE B 163 -8.24 33.87 27.02
N ALA B 164 -6.99 33.42 27.01
CA ALA B 164 -5.88 34.33 27.13
C ALA B 164 -5.83 35.26 25.92
N PHE B 165 -6.16 34.74 24.75
CA PHE B 165 -6.18 35.57 23.56
C PHE B 165 -7.36 36.53 23.50
N SER B 166 -8.44 36.21 24.20
CA SER B 166 -9.58 37.12 24.21
C SER B 166 -9.45 38.13 25.35
N SER B 167 -8.36 38.03 26.09
CA SER B 167 -8.02 39.04 27.08
C SER B 167 -7.44 40.26 26.36
N ILE B 168 -7.28 40.11 25.05
CA ILE B 168 -6.95 41.20 24.16
C ILE B 168 -7.64 40.97 22.81
N LEU B 169 -7.46 41.88 21.87
CA LEU B 169 -7.93 41.70 20.49
C LEU B 169 -9.45 41.70 20.28
N HIS B 170 -10.24 41.68 21.37
CA HIS B 170 -11.66 41.36 21.24
C HIS B 170 -12.50 42.61 20.90
N THR B 171 -11.83 43.69 20.55
CA THR B 171 -12.54 44.92 20.25
C THR B 171 -13.42 44.78 18.98
N GLU B 172 -14.07 45.87 18.58
CA GLU B 172 -15.05 45.85 17.49
C GLU B 172 -14.43 45.48 16.15
N SER B 173 -13.11 45.35 16.13
CA SER B 173 -12.33 45.11 14.92
C SER B 173 -12.87 44.00 14.04
N ALA B 174 -13.46 42.98 14.68
CA ALA B 174 -13.71 41.72 14.01
C ALA B 174 -12.37 41.20 13.49
N LEU B 175 -12.24 41.10 12.15
CA LEU B 175 -11.17 40.31 11.54
C LEU B 175 -11.19 39.00 12.27
N ASP B 176 -12.22 38.23 12.00
CA ASP B 176 -12.34 36.94 12.63
C ASP B 176 -11.17 36.10 12.16
N LEU B 177 -10.40 35.61 13.12
CA LEU B 177 -9.36 34.64 12.85
C LEU B 177 -10.00 33.27 13.00
N SER B 178 -11.32 33.27 13.15
CA SER B 178 -12.10 32.06 12.94
C SER B 178 -12.23 31.78 11.45
N LYS B 179 -11.78 32.73 10.63
CA LYS B 179 -11.85 32.60 9.18
C LYS B 179 -10.50 32.20 8.61
N PRO B 180 -10.49 31.18 7.75
CA PRO B 180 -9.29 30.51 7.25
C PRO B 180 -8.38 31.48 6.52
N ASN B 181 -8.97 32.46 5.87
CA ASN B 181 -8.22 33.41 5.07
C ASN B 181 -7.47 34.37 5.96
N ASN B 182 -8.15 34.79 7.03
CA ASN B 182 -7.54 35.69 8.00
C ASN B 182 -6.44 34.95 8.75
N ILE B 183 -6.69 33.67 8.99
CA ILE B 183 -5.71 32.79 9.59
C ILE B 183 -4.41 32.77 8.79
N LEU B 184 -4.47 32.30 7.55
CA LEU B 184 -3.29 32.26 6.70
C LEU B 184 -2.67 33.65 6.56
N GLY B 185 -3.53 34.64 6.37
CA GLY B 185 -3.08 36.00 6.15
C GLY B 185 -2.31 36.57 7.32
N TYR B 186 -2.85 36.37 8.52
CA TYR B 186 -2.12 36.74 9.71
C TYR B 186 -0.85 35.94 9.79
N GLN B 187 -0.91 34.70 9.33
CA GLN B 187 0.24 33.83 9.48
C GLN B 187 1.37 34.18 8.52
N TYR B 188 1.06 34.61 7.30
CA TYR B 188 2.12 35.09 6.41
C TYR B 188 2.77 36.33 7.02
N VAL B 189 1.91 37.27 7.43
CA VAL B 189 2.32 38.53 8.04
C VAL B 189 3.18 38.30 9.28
N THR B 190 2.78 37.33 10.09
CA THR B 190 3.50 36.98 11.30
C THR B 190 4.87 36.42 10.92
N SER B 191 4.88 35.50 9.97
CA SER B 191 6.12 34.90 9.51
C SER B 191 7.04 35.98 8.97
N ILE B 192 6.45 36.94 8.27
CA ILE B 192 7.20 38.08 7.78
C ILE B 192 7.84 38.83 8.94
N LEU B 193 7.02 39.48 9.78
CA LEU B 193 7.52 40.33 10.86
C LEU B 193 8.50 39.55 11.71
N THR B 194 8.06 38.41 12.21
CA THR B 194 8.92 37.57 13.03
C THR B 194 10.21 37.27 12.29
N GLY B 195 10.12 37.10 10.98
CA GLY B 195 11.28 36.84 10.16
C GLY B 195 12.08 38.09 9.82
N GLY B 196 11.45 39.25 9.91
CA GLY B 196 12.13 40.50 9.62
C GLY B 196 12.38 40.67 8.14
N TYR B 197 11.69 39.86 7.34
CA TYR B 197 11.79 39.92 5.90
C TYR B 197 11.43 41.31 5.39
N PRO B 198 12.20 41.81 4.42
CA PRO B 198 11.94 43.07 3.71
C PRO B 198 10.94 42.87 2.58
N MET B 199 9.82 42.26 2.92
CA MET B 199 8.80 41.95 1.95
C MET B 199 7.52 42.58 2.46
N LYS B 200 6.93 43.47 1.68
CA LYS B 200 5.69 44.11 2.10
C LYS B 200 4.46 43.35 1.65
N PRO B 201 3.70 42.84 2.62
CA PRO B 201 2.42 42.12 2.49
C PRO B 201 1.22 42.99 2.12
N TYR B 202 0.41 42.53 1.17
CA TYR B 202 -0.84 43.22 0.84
C TYR B 202 -2.02 42.26 0.85
N THR B 203 -3.23 42.80 0.98
CA THR B 203 -4.44 41.97 0.95
C THR B 203 -5.68 42.70 0.44
N THR B 204 -6.63 41.93 -0.07
CA THR B 204 -7.94 42.44 -0.42
C THR B 204 -9.02 41.41 -0.12
N ALA B 205 -10.27 41.85 -0.12
CA ALA B 205 -11.40 41.01 0.21
C ALA B 205 -11.70 40.03 -0.92
N ARG B 206 -12.50 39.00 -0.62
CA ARG B 206 -12.92 38.07 -1.65
C ARG B 206 -14.35 38.29 -2.15
N ILE B 207 -14.49 38.44 -3.46
CA ILE B 207 -15.82 38.53 -4.08
C ILE B 207 -16.06 37.43 -5.11
N ASN B 221 -17.69 34.08 -16.41
CA ASN B 221 -17.32 35.43 -15.99
C ASN B 221 -17.40 35.61 -14.49
N HIS B 222 -18.35 34.95 -13.86
CA HIS B 222 -18.65 35.21 -12.46
C HIS B 222 -17.67 34.44 -11.56
N ILE B 223 -17.92 34.42 -10.26
CA ILE B 223 -16.94 33.90 -9.31
C ILE B 223 -17.55 33.09 -8.18
N ALA B 224 -17.03 31.88 -7.99
CA ALA B 224 -17.33 31.06 -6.82
C ALA B 224 -16.07 30.44 -6.26
N SER B 225 -16.22 29.68 -5.19
CA SER B 225 -15.09 29.08 -4.49
C SER B 225 -14.61 27.84 -5.21
N ALA B 226 -13.31 27.61 -5.17
CA ALA B 226 -12.71 26.42 -5.76
C ALA B 226 -13.40 25.18 -5.24
N THR B 227 -13.75 25.22 -3.97
CA THR B 227 -14.47 24.15 -3.31
C THR B 227 -15.84 23.92 -3.92
N SER B 228 -16.61 24.99 -4.06
CA SER B 228 -17.93 24.91 -4.68
C SER B 228 -17.79 24.46 -6.13
N ILE B 229 -16.67 24.82 -6.74
CA ILE B 229 -16.34 24.35 -8.08
C ILE B 229 -16.01 22.87 -8.06
N ARG B 230 -15.09 22.48 -7.18
CA ARG B 230 -14.70 21.08 -7.05
C ARG B 230 -15.92 20.20 -6.89
N LYS B 231 -16.71 20.52 -5.87
CA LYS B 231 -17.88 19.73 -5.54
C LYS B 231 -18.85 19.70 -6.72
N ALA B 232 -18.81 20.75 -7.53
CA ALA B 232 -19.60 20.78 -8.76
C ALA B 232 -18.98 19.86 -9.80
N MET B 233 -17.65 19.83 -9.88
CA MET B 233 -17.00 18.89 -10.78
C MET B 233 -17.22 17.43 -10.33
N ILE B 234 -17.27 17.21 -9.01
CA ILE B 234 -17.53 15.89 -8.45
C ILE B 234 -18.96 15.46 -8.78
N GLY B 235 -19.82 16.45 -8.97
CA GLY B 235 -21.22 16.23 -9.27
C GLY B 235 -21.46 16.07 -10.76
N GLN B 236 -20.41 15.64 -11.47
CA GLN B 236 -20.46 15.36 -12.90
C GLN B 236 -20.79 16.64 -13.69
N ASN B 237 -20.27 17.76 -13.20
CA ASN B 237 -20.49 19.08 -13.81
C ASN B 237 -19.20 19.87 -14.03
N LEU B 238 -18.90 20.19 -15.28
CA LEU B 238 -17.71 20.98 -15.59
C LEU B 238 -18.06 22.34 -16.18
N GLU B 239 -18.70 22.35 -17.34
CA GLU B 239 -18.97 23.58 -18.04
C GLU B 239 -19.94 24.47 -17.27
N ALA B 240 -20.57 23.89 -16.25
CA ALA B 240 -21.32 24.68 -15.29
C ALA B 240 -20.39 25.73 -14.70
N CYS B 241 -19.17 25.29 -14.38
CA CYS B 241 -18.16 26.12 -13.73
C CYS B 241 -17.59 27.21 -14.65
N LEU B 242 -17.95 27.17 -15.93
CA LEU B 242 -17.25 27.99 -16.90
C LEU B 242 -17.47 29.49 -16.71
N ARG B 243 -18.54 29.86 -16.01
CA ARG B 243 -18.65 31.24 -15.57
C ARG B 243 -17.64 31.49 -14.45
N PHE B 244 -17.35 30.45 -13.69
CA PHE B 244 -16.49 30.52 -12.52
C PHE B 244 -15.02 30.18 -12.82
N LEU B 245 -14.72 29.79 -14.05
CA LEU B 245 -13.35 29.46 -14.42
C LEU B 245 -12.90 30.19 -15.67
N PRO B 246 -11.64 30.65 -15.69
CA PRO B 246 -11.08 31.16 -16.95
C PRO B 246 -10.97 30.07 -18.01
N ALA B 247 -10.56 30.43 -19.21
CA ALA B 247 -10.55 29.51 -20.35
C ALA B 247 -9.44 28.47 -20.25
N ALA B 248 -8.22 28.95 -20.09
CA ALA B 248 -7.06 28.07 -19.97
C ALA B 248 -7.27 27.07 -18.85
N SER B 249 -7.68 27.58 -17.69
CA SER B 249 -7.96 26.72 -16.55
C SER B 249 -8.99 25.67 -16.92
N ALA B 250 -10.07 26.10 -17.57
CA ALA B 250 -11.09 25.18 -18.02
C ALA B 250 -10.58 24.24 -19.13
N ARG B 251 -9.79 24.79 -20.06
CA ARG B 251 -9.23 24.02 -21.16
C ARG B 251 -8.21 23.01 -20.65
N GLU B 252 -7.61 23.30 -19.51
CA GLU B 252 -6.55 22.48 -18.97
C GLU B 252 -7.05 21.25 -18.22
N LEU B 253 -8.21 21.38 -17.61
CA LEU B 253 -8.77 20.31 -16.80
C LEU B 253 -9.28 19.19 -17.70
N ALA B 254 -10.02 19.57 -18.74
CA ALA B 254 -10.57 18.60 -19.67
C ALA B 254 -9.48 17.65 -20.21
N ALA B 255 -8.33 18.19 -20.56
CA ALA B 255 -7.25 17.39 -21.14
C ALA B 255 -6.70 16.38 -20.14
N TYR B 256 -6.86 16.69 -18.85
CA TYR B 256 -6.35 15.82 -17.80
C TYR B 256 -7.21 14.57 -17.71
N ARG B 257 -8.47 14.76 -17.33
CA ARG B 257 -9.42 13.66 -17.21
C ARG B 257 -9.47 12.91 -18.52
N LYS B 258 -9.15 13.58 -19.61
CA LYS B 258 -9.11 12.89 -20.88
C LYS B 258 -7.97 11.89 -20.90
N SER B 259 -6.79 12.34 -20.50
CA SER B 259 -5.60 11.51 -20.67
C SER B 259 -5.48 10.42 -19.61
N PHE B 260 -5.69 10.76 -18.35
CA PHE B 260 -5.56 9.79 -17.28
C PHE B 260 -6.88 9.23 -16.74
N GLY B 261 -8.00 9.74 -17.26
CA GLY B 261 -9.30 9.20 -16.93
C GLY B 261 -9.85 9.50 -15.54
N LEU B 262 -9.37 10.56 -14.89
CA LEU B 262 -9.90 10.88 -13.57
C LEU B 262 -9.68 12.31 -13.10
N TRP B 263 -10.54 12.74 -12.17
CA TRP B 263 -10.23 13.86 -11.29
C TRP B 263 -9.86 13.24 -9.93
N HIS B 264 -8.84 13.78 -9.26
CA HIS B 264 -8.31 13.13 -8.07
C HIS B 264 -9.07 13.51 -6.80
N THR B 265 -9.66 12.52 -6.15
CA THR B 265 -10.46 12.73 -4.95
C THR B 265 -9.76 12.08 -3.76
N PRO B 266 -10.01 12.61 -2.56
CA PRO B 266 -9.53 11.88 -1.39
C PRO B 266 -10.03 10.43 -1.37
N GLU B 267 -11.31 10.22 -1.65
CA GLU B 267 -11.89 8.89 -1.60
C GLU B 267 -11.17 7.97 -2.57
N SER B 268 -10.70 8.54 -3.68
CA SER B 268 -10.04 7.76 -4.73
C SER B 268 -8.84 6.97 -4.22
N TYR B 269 -8.28 7.41 -3.09
CA TYR B 269 -7.11 6.76 -2.54
C TYR B 269 -7.45 5.78 -1.43
N PHE B 270 -8.73 5.61 -1.12
CA PHE B 270 -9.14 4.84 0.06
C PHE B 270 -8.56 3.42 0.09
N SER B 271 -8.53 2.76 -1.06
CA SER B 271 -8.03 1.40 -1.13
C SER B 271 -6.57 1.31 -0.72
N TYR B 272 -5.81 2.36 -1.04
CA TYR B 272 -4.39 2.38 -0.72
C TYR B 272 -4.20 2.77 0.74
N LEU B 273 -5.25 3.33 1.33
CA LEU B 273 -5.25 3.63 2.75
C LEU B 273 -5.56 2.35 3.53
N LYS B 274 -6.51 1.60 3.01
CA LYS B 274 -6.84 0.31 3.57
C LYS B 274 -5.63 -0.61 3.49
N TYR B 275 -4.97 -0.61 2.34
CA TYR B 275 -3.82 -1.47 2.14
C TYR B 275 -2.63 -1.04 2.97
N SER B 276 -2.40 0.25 3.10
CA SER B 276 -1.26 0.73 3.85
C SER B 276 -1.45 0.56 5.33
N LEU B 277 -2.70 0.59 5.78
CA LEU B 277 -2.98 0.38 7.20
C LEU B 277 -3.11 -1.10 7.50
N SER B 278 -3.20 -1.91 6.45
CA SER B 278 -3.28 -3.36 6.59
C SER B 278 -1.94 -4.01 6.89
N THR B 279 -0.86 -3.40 6.43
CA THR B 279 0.45 -3.99 6.63
C THR B 279 1.21 -3.49 7.86
N VAL B 280 0.69 -2.44 8.48
CA VAL B 280 1.46 -1.73 9.50
C VAL B 280 1.07 -2.19 10.91
N THR B 281 2.05 -2.30 11.81
CA THR B 281 1.72 -2.63 13.20
C THR B 281 1.31 -1.36 13.94
N ALA B 282 1.13 -1.47 15.25
CA ALA B 282 0.77 -0.31 16.03
C ALA B 282 1.97 0.64 16.15
N ARG B 283 3.09 0.09 16.59
CA ARG B 283 4.27 0.88 16.91
C ARG B 283 4.91 1.50 15.68
N GLU B 284 4.62 0.94 14.52
CA GLU B 284 5.06 1.54 13.27
C GLU B 284 4.13 2.70 12.90
N LEU B 285 2.82 2.51 13.12
CA LEU B 285 1.82 3.54 12.81
C LEU B 285 1.93 4.70 13.79
N GLN B 286 2.39 4.37 14.99
CA GLN B 286 2.64 5.37 16.01
C GLN B 286 3.69 6.36 15.53
N GLN B 287 4.63 5.87 14.74
CA GLN B 287 5.74 6.73 14.32
C GLN B 287 5.45 7.57 13.09
N VAL B 288 4.22 7.47 12.58
CA VAL B 288 3.81 8.31 11.46
C VAL B 288 3.47 9.71 11.94
N TYR B 289 3.99 10.70 11.21
CA TYR B 289 3.75 12.10 11.50
C TYR B 289 2.25 12.41 11.59
N GLU B 290 1.91 13.21 12.59
CA GLU B 290 0.53 13.59 12.91
C GLU B 290 -0.34 12.44 13.39
N VAL B 291 0.27 11.36 13.90
CA VAL B 291 -0.50 10.34 14.59
C VAL B 291 -0.18 10.37 16.08
N GLU B 292 -1.14 10.81 16.90
CA GLU B 292 -0.88 10.98 18.32
C GLU B 292 -0.76 9.63 19.00
N GLU B 293 -0.12 9.61 20.17
CA GLU B 293 0.10 8.36 20.88
C GLU B 293 -1.22 7.69 21.25
N GLY B 294 -1.28 6.39 20.98
CA GLY B 294 -2.43 5.58 21.34
C GLY B 294 -3.52 5.56 20.28
N LEU B 295 -3.48 6.56 19.41
CA LEU B 295 -4.46 6.71 18.35
C LEU B 295 -4.25 5.66 17.25
N GLU B 296 -3.09 5.04 17.22
CA GLU B 296 -2.81 3.99 16.25
C GLU B 296 -3.88 2.91 16.33
N HIS B 297 -4.22 2.51 17.56
CA HIS B 297 -5.23 1.49 17.78
C HIS B 297 -6.54 1.81 17.09
N ARG B 298 -7.17 2.91 17.49
CA ARG B 298 -8.42 3.32 16.87
C ARG B 298 -8.36 3.33 15.34
N ILE B 299 -7.24 3.81 14.78
CA ILE B 299 -7.07 3.88 13.33
C ILE B 299 -7.13 2.52 12.71
N ILE B 300 -6.31 1.63 13.23
CA ILE B 300 -6.19 0.27 12.75
C ILE B 300 -7.51 -0.48 12.84
N ARG B 301 -8.21 -0.25 13.95
CA ARG B 301 -9.53 -0.84 14.18
C ARG B 301 -10.58 -0.27 13.24
N SER B 302 -10.57 1.04 13.07
CA SER B 302 -11.59 1.74 12.30
C SER B 302 -11.48 1.51 10.81
N ILE B 303 -10.25 1.31 10.31
CA ILE B 303 -10.05 1.16 8.88
C ILE B 303 -10.67 -0.15 8.39
N ARG B 304 -10.68 -1.14 9.27
CA ARG B 304 -11.19 -2.46 8.92
C ARG B 304 -12.68 -2.41 8.63
N LYS B 305 -13.38 -1.67 9.47
CA LYS B 305 -14.83 -1.64 9.48
C LYS B 305 -15.41 -0.57 8.56
N SER B 306 -14.56 0.25 7.96
CA SER B 306 -15.02 1.32 7.08
C SER B 306 -15.00 0.92 5.61
N SER B 307 -16.18 0.84 5.00
CA SER B 307 -16.29 0.63 3.56
C SER B 307 -16.25 1.98 2.86
N SER B 308 -16.08 3.04 3.65
CA SER B 308 -16.01 4.38 3.10
C SER B 308 -15.04 5.27 3.85
N TYR B 309 -14.25 6.02 3.07
CA TYR B 309 -13.41 7.09 3.58
C TYR B 309 -14.20 8.00 4.52
N GLN B 310 -15.45 8.29 4.16
CA GLN B 310 -16.34 9.06 5.02
C GLN B 310 -16.58 8.35 6.36
N GLU B 311 -16.97 7.08 6.29
CA GLU B 311 -17.19 6.29 7.48
C GLU B 311 -15.93 6.25 8.30
N PHE B 312 -14.81 6.10 7.62
CA PHE B 312 -13.51 6.04 8.25
C PHE B 312 -13.30 7.24 9.18
N MET B 313 -13.52 8.44 8.65
CA MET B 313 -13.35 9.68 9.40
C MET B 313 -14.15 9.75 10.70
N GLU B 314 -15.46 9.48 10.61
CA GLU B 314 -16.36 9.66 11.74
C GLU B 314 -15.98 8.74 12.90
N LEU B 315 -15.30 7.66 12.56
CA LEU B 315 -14.86 6.73 13.57
C LEU B 315 -13.59 7.25 14.20
N LEU B 316 -12.92 8.16 13.48
CA LEU B 316 -11.64 8.67 13.93
C LEU B 316 -11.67 9.97 14.74
N LYS B 317 -12.82 10.64 14.76
CA LYS B 317 -12.90 11.97 15.33
C LYS B 317 -12.72 12.04 16.85
N THR B 318 -11.74 12.83 17.28
CA THR B 318 -11.62 13.23 18.68
C THR B 318 -11.35 14.72 18.69
N LYS B 319 -11.73 15.38 19.78
CA LYS B 319 -11.70 16.83 19.83
C LYS B 319 -10.28 17.40 19.69
N ARG B 320 -9.28 16.54 19.77
CA ARG B 320 -7.89 16.95 19.54
C ARG B 320 -7.55 16.93 18.04
N TYR B 321 -8.52 16.59 17.21
CA TYR B 321 -8.31 16.56 15.77
C TYR B 321 -9.36 17.37 15.04
N THR B 322 -8.92 18.38 14.28
CA THR B 322 -9.84 19.01 13.36
C THR B 322 -10.09 18.03 12.25
N TRP B 323 -10.92 18.40 11.29
CA TRP B 323 -11.20 17.49 10.20
C TRP B 323 -10.05 17.50 9.20
N THR B 324 -9.39 18.64 9.06
CA THR B 324 -8.25 18.71 8.16
C THR B 324 -7.05 18.00 8.76
N ARG B 325 -6.91 18.06 10.08
CA ARG B 325 -5.79 17.41 10.73
C ARG B 325 -5.89 15.91 10.54
N LEU B 326 -7.12 15.41 10.52
CA LEU B 326 -7.37 14.02 10.20
C LEU B 326 -6.97 13.72 8.76
N GLN B 327 -7.50 14.50 7.81
CA GLN B 327 -7.10 14.39 6.41
C GLN B 327 -5.59 14.46 6.20
N ARG B 328 -4.98 15.53 6.70
CA ARG B 328 -3.52 15.67 6.67
C ARG B 328 -2.85 14.40 7.22
N MET B 329 -3.37 13.89 8.32
CA MET B 329 -2.81 12.69 8.90
C MET B 329 -2.95 11.50 7.97
N ASN B 330 -4.06 11.47 7.24
CA ASN B 330 -4.28 10.35 6.34
C ASN B 330 -3.32 10.40 5.18
N THR B 331 -2.93 11.59 4.76
CA THR B 331 -1.94 11.72 3.70
C THR B 331 -0.60 11.13 4.13
N HIS B 332 -0.16 11.50 5.32
CA HIS B 332 1.12 11.04 5.85
C HIS B 332 1.14 9.56 6.00
N ILE B 333 -0.03 9.00 6.25
CA ILE B 333 -0.19 7.56 6.34
C ILE B 333 0.03 6.96 4.96
N LEU B 334 -0.59 7.58 3.94
CA LEU B 334 -0.45 7.13 2.57
C LEU B 334 0.98 7.23 2.06
N THR B 335 1.68 8.30 2.41
CA THR B 335 3.04 8.49 1.95
C THR B 335 4.05 7.87 2.90
N ARG B 336 3.57 7.38 4.03
CA ARG B 336 4.41 6.84 5.09
C ARG B 336 5.46 7.85 5.55
N THR B 337 5.01 9.05 5.91
CA THR B 337 5.89 10.11 6.36
C THR B 337 6.02 10.06 7.86
N LYS B 338 7.25 9.87 8.35
CA LYS B 338 7.49 9.61 9.76
C LYS B 338 7.82 10.87 10.55
N LYS B 339 7.40 10.88 11.81
CA LYS B 339 7.65 12.00 12.72
C LYS B 339 9.10 12.45 12.65
N GLN B 340 10.02 11.50 12.64
CA GLN B 340 11.42 11.87 12.65
C GLN B 340 11.81 12.45 11.31
N ASP B 341 11.24 11.94 10.21
CA ASP B 341 11.45 12.55 8.90
C ASP B 341 11.10 14.01 9.04
N MET B 342 9.82 14.22 9.31
CA MET B 342 9.22 15.54 9.29
C MET B 342 9.92 16.45 10.28
N GLN B 343 9.93 16.06 11.55
CA GLN B 343 10.47 16.94 12.57
C GLN B 343 11.94 17.27 12.34
N LYS B 344 12.69 16.31 11.82
CA LYS B 344 14.10 16.58 11.57
C LYS B 344 14.25 17.53 10.40
N LEU B 345 13.32 17.48 9.45
CA LEU B 345 13.30 18.44 8.34
C LEU B 345 12.64 19.76 8.69
N LEU B 346 11.64 19.72 9.56
CA LEU B 346 10.92 20.94 9.93
C LEU B 346 11.82 21.92 10.65
N ASP B 347 12.93 21.41 11.19
CA ASP B 347 13.75 22.19 12.10
C ASP B 347 14.29 23.46 11.47
N ASN B 348 14.90 23.32 10.30
CA ASN B 348 15.63 24.39 9.65
C ASN B 348 14.82 25.67 9.48
N ASP B 349 15.47 26.83 9.57
CA ASP B 349 14.78 28.10 9.42
C ASP B 349 14.90 28.63 8.00
N LYS B 350 15.51 27.84 7.12
CA LYS B 350 15.48 28.12 5.69
C LYS B 350 14.90 26.96 4.87
N ALA B 351 14.69 27.21 3.58
CA ALA B 351 14.12 26.21 2.68
C ALA B 351 15.23 25.39 2.01
N PRO B 352 14.99 24.11 1.77
CA PRO B 352 16.08 23.24 1.32
C PRO B 352 16.54 23.50 -0.12
N TYR B 353 15.64 23.98 -0.96
CA TYR B 353 15.88 24.18 -2.38
C TYR B 353 14.78 25.01 -3.01
N ILE B 354 14.93 25.35 -4.28
CA ILE B 354 13.85 25.94 -5.05
C ILE B 354 13.52 25.06 -6.25
N ARG B 355 12.35 24.43 -6.25
CA ARG B 355 11.89 23.64 -7.39
C ARG B 355 11.12 24.53 -8.36
N LEU B 356 11.64 24.64 -9.57
CA LEU B 356 11.01 25.46 -10.59
C LEU B 356 10.03 24.61 -11.40
N LEU B 357 8.74 24.89 -11.25
CA LEU B 357 7.73 24.16 -12.01
C LEU B 357 7.49 24.78 -13.39
N GLY B 358 7.47 26.10 -13.46
CA GLY B 358 7.17 26.77 -14.71
C GLY B 358 7.35 28.27 -14.65
N MET B 359 7.54 28.86 -15.82
CA MET B 359 7.86 30.27 -15.92
C MET B 359 7.39 30.86 -17.25
N THR B 360 7.03 32.13 -17.20
CA THR B 360 6.65 32.85 -18.40
C THR B 360 7.88 33.47 -19.01
N LYS B 361 7.68 34.37 -19.96
CA LYS B 361 8.77 35.18 -20.49
C LYS B 361 9.31 36.10 -19.41
N LYS B 362 8.40 36.77 -18.69
CA LYS B 362 8.75 37.64 -17.58
C LYS B 362 9.43 36.84 -16.48
N GLY B 363 8.86 35.67 -16.18
CA GLY B 363 9.38 34.84 -15.12
C GLY B 363 10.84 34.47 -15.31
N GLN B 364 11.19 34.03 -16.51
CA GLN B 364 12.55 33.59 -16.79
C GLN B 364 13.55 34.70 -16.54
N ALA B 365 13.24 35.89 -17.05
CA ALA B 365 14.11 37.03 -16.88
C ALA B 365 14.30 37.35 -15.40
N TYR B 366 13.29 37.04 -14.59
CA TYR B 366 13.40 37.29 -13.17
C TYR B 366 14.24 36.21 -12.51
N LEU B 367 14.13 34.99 -13.02
CA LEU B 367 14.92 33.91 -12.47
C LEU B 367 16.39 34.14 -12.83
N SER B 368 16.65 34.60 -14.05
CA SER B 368 18.01 34.87 -14.49
C SER B 368 18.67 35.96 -13.67
N GLU B 369 17.94 37.05 -13.43
CA GLU B 369 18.49 38.18 -12.68
C GLU B 369 18.88 37.74 -11.26
N LYS B 370 18.04 36.93 -10.62
CA LYS B 370 18.29 36.52 -9.23
C LYS B 370 18.94 35.15 -9.08
N LYS B 371 19.19 34.49 -10.20
CA LYS B 371 19.72 33.11 -10.21
C LYS B 371 20.96 32.95 -9.32
N LYS B 372 21.90 33.86 -9.46
CA LYS B 372 23.16 33.79 -8.73
C LYS B 372 22.94 34.00 -7.24
N ALA B 373 21.80 34.58 -6.89
CA ALA B 373 21.51 35.00 -5.51
C ALA B 373 20.99 33.89 -4.61
N LEU B 374 20.41 32.85 -5.20
CA LEU B 374 19.81 31.80 -4.40
C LEU B 374 20.84 31.08 -3.55
N SER B 375 20.62 31.07 -2.24
CA SER B 375 21.58 30.47 -1.32
C SER B 375 21.34 28.97 -1.19
N VAL B 376 20.31 28.50 -1.89
CA VAL B 376 19.93 27.10 -1.87
C VAL B 376 19.75 26.65 -3.30
N PRO B 377 19.96 25.35 -3.56
CA PRO B 377 19.87 24.81 -4.92
C PRO B 377 18.59 25.14 -5.67
N LEU B 378 18.75 25.55 -6.92
CA LEU B 378 17.63 25.72 -7.81
C LEU B 378 17.48 24.44 -8.63
N VAL B 379 16.43 23.71 -8.35
CA VAL B 379 16.21 22.41 -8.96
C VAL B 379 15.28 22.53 -10.16
N SER B 380 15.82 22.27 -11.33
CA SER B 380 15.03 22.27 -12.56
C SER B 380 14.89 20.84 -13.06
N LYS B 381 16.00 20.26 -13.48
CA LYS B 381 16.09 18.81 -13.65
C LYS B 381 16.23 18.21 -12.26
N LEU B 382 15.40 17.24 -11.94
CA LEU B 382 15.48 16.62 -10.62
C LEU B 382 16.80 15.89 -10.44
N SER B 383 17.36 15.45 -11.56
CA SER B 383 18.65 14.77 -11.58
C SER B 383 19.75 15.57 -10.88
N SER B 384 19.64 16.89 -10.98
CA SER B 384 20.69 17.80 -10.54
C SER B 384 20.96 17.77 -9.05
N PHE B 385 19.93 17.44 -8.25
CA PHE B 385 20.03 17.55 -6.79
C PHE B 385 19.19 16.49 -6.08
N SER B 386 19.64 16.06 -4.91
CA SER B 386 18.92 15.06 -4.14
C SER B 386 18.91 15.44 -2.66
N HIS B 387 17.72 15.46 -2.08
CA HIS B 387 17.54 15.95 -0.72
C HIS B 387 16.43 15.13 -0.13
N PRO B 388 16.50 14.87 1.19
CA PRO B 388 15.43 14.14 1.87
C PRO B 388 14.07 14.80 1.73
N ALA B 389 14.03 16.13 1.75
CA ALA B 389 12.77 16.85 1.54
C ALA B 389 12.34 16.70 0.10
N LEU B 390 13.33 16.64 -0.78
CA LEU B 390 13.09 16.43 -2.18
C LEU B 390 12.67 14.98 -2.40
N ASP B 391 13.32 14.08 -1.68
CA ASP B 391 12.93 12.68 -1.69
C ASP B 391 11.48 12.54 -1.34
N LEU B 392 11.03 13.38 -0.43
CA LEU B 392 9.67 13.34 0.03
C LEU B 392 8.68 13.82 -1.04
N ASP B 393 9.04 14.86 -1.78
CA ASP B 393 8.15 15.32 -2.87
C ASP B 393 8.02 14.26 -3.95
N VAL B 394 9.12 13.58 -4.25
CA VAL B 394 9.11 12.52 -5.25
C VAL B 394 8.22 11.37 -4.80
N LYS B 395 8.26 11.06 -3.51
CA LYS B 395 7.41 10.01 -2.96
C LYS B 395 5.94 10.38 -3.13
N ALA B 396 5.57 11.58 -2.73
CA ALA B 396 4.19 12.05 -2.89
C ALA B 396 3.73 11.97 -4.34
N SER B 397 4.67 12.11 -5.27
CA SER B 397 4.36 12.10 -6.69
C SER B 397 4.07 10.72 -7.22
N ARG B 398 4.68 9.71 -6.61
CA ARG B 398 4.39 8.33 -6.99
C ARG B 398 3.09 7.86 -6.34
N ILE B 399 2.78 8.43 -5.17
CA ILE B 399 1.55 8.12 -4.49
C ILE B 399 0.38 8.74 -5.27
N TYR B 400 0.67 9.84 -5.95
CA TYR B 400 -0.36 10.60 -6.60
C TYR B 400 -1.01 9.83 -7.75
N SER B 401 -0.18 9.17 -8.55
CA SER B 401 -0.60 8.49 -9.75
C SER B 401 -1.37 7.20 -9.51
N LEU B 402 -1.35 6.71 -8.28
CA LEU B 402 -1.88 5.38 -8.01
C LEU B 402 -3.34 5.15 -8.44
N PRO B 403 -4.21 6.16 -8.29
CA PRO B 403 -5.56 5.88 -8.80
C PRO B 403 -5.64 5.81 -10.33
N ILE B 404 -4.64 6.32 -11.02
CA ILE B 404 -4.61 6.25 -12.48
C ILE B 404 -4.42 4.80 -12.94
N GLU B 405 -5.27 4.37 -13.86
CA GLU B 405 -5.10 3.07 -14.48
C GLU B 405 -3.84 3.09 -15.33
N GLU B 406 -3.27 1.92 -15.58
CA GLU B 406 -2.20 1.81 -16.56
C GLU B 406 -2.83 1.70 -17.93
N PRO B 407 -2.05 1.86 -19.01
CA PRO B 407 -0.62 2.14 -19.21
C PRO B 407 -0.22 3.53 -18.76
N LEU B 408 -1.23 4.36 -18.55
CA LEU B 408 -1.07 5.79 -18.28
C LEU B 408 -0.28 6.09 -17.00
N ARG B 409 -0.54 5.32 -15.95
CA ARG B 409 0.06 5.58 -14.65
C ARG B 409 1.59 5.56 -14.71
N THR B 410 2.14 4.53 -15.35
CA THR B 410 3.58 4.40 -15.55
C THR B 410 4.11 5.58 -16.33
N GLU B 411 3.27 6.09 -17.22
CA GLU B 411 3.63 7.20 -18.08
C GLU B 411 3.52 8.52 -17.33
N PHE B 412 2.51 8.63 -16.46
CA PHE B 412 2.41 9.77 -15.57
C PHE B 412 3.68 9.90 -14.73
N ASP B 413 4.15 8.76 -14.22
CA ASP B 413 5.29 8.73 -13.31
C ASP B 413 6.57 9.24 -13.97
N LEU B 414 6.50 9.43 -15.28
CA LEU B 414 7.64 9.93 -16.04
C LEU B 414 7.86 11.40 -15.77
N GLN B 415 6.78 12.09 -15.42
CA GLN B 415 6.79 13.55 -15.38
C GLN B 415 7.67 14.16 -14.31
N GLU B 416 7.94 13.42 -13.24
CA GLU B 416 8.69 14.04 -12.15
C GLU B 416 10.17 14.19 -12.53
N TYR B 417 10.57 13.60 -13.65
CA TYR B 417 11.98 13.62 -14.06
C TYR B 417 12.25 14.25 -15.42
N GLY B 418 11.90 13.51 -16.46
CA GLY B 418 12.25 13.83 -17.83
C GLY B 418 11.39 14.95 -18.39
N HIS B 419 10.74 15.65 -17.47
CA HIS B 419 9.92 16.81 -17.76
C HIS B 419 10.80 18.05 -17.65
N ALA B 420 11.08 18.69 -18.79
CA ALA B 420 11.77 19.97 -18.75
C ALA B 420 10.85 20.94 -18.06
N PRO B 421 11.41 21.85 -17.25
CA PRO B 421 10.55 22.90 -16.69
C PRO B 421 9.78 23.59 -17.81
N ILE B 422 8.46 23.70 -17.60
CA ILE B 422 7.57 24.28 -18.56
C ILE B 422 7.93 25.74 -18.78
N ARG B 423 7.75 26.23 -20.01
CA ARG B 423 7.91 27.64 -20.31
C ARG B 423 6.84 28.09 -21.31
N TYR B 424 6.30 29.28 -21.09
CA TYR B 424 5.18 29.78 -21.87
C TYR B 424 5.43 31.21 -22.35
N ASP B 425 4.96 31.54 -23.55
CA ASP B 425 5.18 32.86 -24.14
C ASP B 425 4.02 33.78 -23.79
N GLU B 426 4.31 34.76 -22.94
CA GLU B 426 3.31 35.71 -22.47
C GLU B 426 2.55 36.33 -23.64
N ASP B 427 3.31 36.73 -24.65
CA ASP B 427 2.74 37.50 -25.73
C ASP B 427 2.29 36.56 -26.84
N GLU B 428 0.97 36.49 -26.99
CA GLU B 428 0.31 35.56 -27.89
C GLU B 428 0.75 34.12 -27.67
N GLN B 429 0.52 33.60 -26.47
CA GLN B 429 0.25 32.18 -26.26
C GLN B 429 1.18 31.12 -26.91
N HIS B 430 2.40 30.93 -26.41
CA HIS B 430 3.20 29.77 -26.86
C HIS B 430 3.92 29.05 -25.73
N PHE B 431 3.74 27.74 -25.61
CA PHE B 431 4.64 26.91 -24.80
C PHE B 431 5.80 26.52 -25.68
N LEU B 432 7.02 26.58 -25.18
CA LEU B 432 8.18 26.34 -26.04
C LEU B 432 8.68 24.89 -25.99
N ASN B 433 7.98 24.06 -25.23
CA ASN B 433 8.42 22.67 -25.06
C ASN B 433 7.63 21.67 -25.90
PG APC C . -1.18 -28.49 -11.10
O1G APC C . -1.54 -29.70 -11.92
O2G APC C . -1.62 -27.16 -11.69
O3G APC C . 0.24 -28.50 -10.57
PB APC C . -1.70 -29.72 -8.62
O1B APC C . -1.96 -31.10 -9.18
O2B APC C . -0.36 -29.41 -8.00
O3B APC C . -2.07 -28.63 -9.75
PA APC C . -2.84 -29.52 -5.58
O1A APC C . -1.39 -29.26 -5.22
O2A APC C . -4.01 -28.77 -4.98
C3A APC C . -2.99 -29.42 -7.38
O5' APC C . -3.10 -31.08 -5.31
C5' APC C . -2.91 -31.64 -4.01
C4' APC C . -2.74 -33.16 -4.14
O4' APC C . -3.72 -33.67 -5.04
C3' APC C . -1.37 -33.51 -4.71
O3' APC C . -0.80 -34.56 -3.94
C2' APC C . -1.67 -33.98 -6.11
O2' APC C . -0.77 -34.99 -6.56
C1' APC C . -3.08 -34.53 -5.97
N9 APC C . -3.74 -34.56 -7.29
C8 APC C . -4.28 -33.54 -7.98
N7 APC C . -4.78 -33.96 -9.16
C5 APC C . -4.56 -35.29 -9.25
C6 APC C . -4.82 -36.38 -10.23
N6 APC C . -5.44 -36.15 -11.41
N1 APC C . -4.40 -37.61 -9.91
C2 APC C . -3.77 -37.87 -8.75
N3 APC C . -3.50 -36.95 -7.82
C4 APC C . -3.86 -35.67 -8.02
PG APC D . -11.15 29.75 -2.33
O1G APC D . -12.34 28.86 -2.62
O2G APC D . -10.82 30.72 -3.45
O3G APC D . -11.14 30.37 -0.96
PB APC D . -8.48 29.23 -1.82
O1B APC D . -8.17 28.69 -0.45
O2B APC D . -8.47 30.72 -2.03
O3B APC D . -9.92 28.71 -2.31
PA APC D . -5.74 29.10 -2.94
O1A APC D . -5.12 28.67 -1.63
O2A APC D . -5.07 28.85 -4.26
C3A APC D . -7.44 28.44 -3.07
O5' APC D . -5.92 30.70 -2.84
C5' APC D . -4.83 31.57 -3.16
C4' APC D . -5.09 32.96 -2.58
O4' APC D . -5.99 33.68 -3.42
C3' APC D . -5.71 32.85 -1.20
O3' APC D . -4.97 33.63 -0.26
C2' APC D . -7.10 33.42 -1.35
O2' APC D . -7.46 34.20 -0.20
C1' APC D . -6.99 34.26 -2.59
N9 APC D . -8.26 34.27 -3.35
C8 APC D . -8.76 33.25 -4.08
N7 APC D . -9.94 33.63 -4.66
C5 APC D . -10.19 34.90 -4.30
C6 APC D . -11.25 35.90 -4.55
N6 APC D . -12.32 35.62 -5.34
N1 APC D . -11.10 37.12 -3.98
C2 APC D . -10.05 37.42 -3.20
N3 APC D . -9.06 36.57 -2.93
C4 APC D . -9.07 35.31 -3.44
#